data_7EHL
#
_entry.id   7EHL
#
_cell.length_a   1.00
_cell.length_b   1.00
_cell.length_c   1.00
_cell.angle_alpha   90.00
_cell.angle_beta   90.00
_cell.angle_gamma   90.00
#
_symmetry.space_group_name_H-M   'P 1'
#
loop_
_entity.id
_entity.type
_entity.pdbx_description
1 polymer 'Mitochondrial potassium channel ATP-binding subunit'
2 non-polymer CHOLESTEROL
3 non-polymer 'PHOSPHOAMINOPHOSPHONIC ACID-ADENYLATE ESTER'
4 non-polymer 'MAGNESIUM ION'
#
_entity_poly.entity_id   1
_entity_poly.type   'polypeptide(L)'
_entity_poly.pdbx_seq_one_letter_code
;SLLRAVAHLRSQLWAHLPRAPLAPRWSPSAWCWVGGALLGPMVLSKHPHLCLVALCEAEEAPPASSTPHVVGSRFNWKLF
WQFLHPHLLVLGVAVVLALGAALVNVQIPLLLGQLVEVVAKYTRDHVGSFMTESQNLSTHLLILYGVQGLLTFGYLVLLS
HVGERMAVDMRRALFSSLLRQDITFFDANKTGQLVSRLTTDVQEFKSSFKLVISQGLRSCTQVAGCLVSLSMLSTRLTLL
LMVATPALMGVGTLMGSGLRKLSRQCQEQIARAMGVADEALGNVRTVRAFAMEQREEERYGAELEACRCRAEELGRGIAL
FQGLSNIAFNCMVLGTLFIGGSLVAGQQLTGGDLMSFLVASQTVQRSMANLSVLFGQVVRGLSAGARVFEYMALNPCIPL
SGGCCVPKEQLRGSVTFQNVCFSYPCRPGFEVLKDFTLTLPPGKIVALVGQSGGGKTTVASLLERFYDPTAGVVMLDGRD
LRTLDPSWLRGQVVGFISQEPVLFGTTIMENIRFGKLEASDEEVYTAAREANAHEFITSFPEGYNTVVGERGTTLSGGQK
QRLAIARALIKQPTVLILDEATSALDAESERVVQEALDRASAGRTVLVIAHRLSTVRGAHCIVVMADGRVWEAGTHEELL
KKGGLYAELIRRQALDAPRTAAPPPKKPEGPRSHQHKS
;
_entity_poly.pdbx_strand_id   A,B
#
# COMPACT_ATOMS: atom_id res chain seq x y z
N PHE A 75 -11.39 21.78 21.27
CA PHE A 75 -10.46 20.96 20.51
C PHE A 75 -11.19 19.91 19.69
N ASN A 76 -11.31 18.70 20.26
CA ASN A 76 -12.01 17.62 19.57
C ASN A 76 -13.48 17.95 19.37
N TRP A 77 -14.08 18.68 20.30
CA TRP A 77 -15.48 19.06 20.21
C TRP A 77 -15.70 20.56 20.27
N LYS A 78 -14.97 21.27 21.12
CA LYS A 78 -15.20 22.71 21.28
C LYS A 78 -14.92 23.46 19.99
N LEU A 79 -13.80 23.15 19.34
CA LEU A 79 -13.49 23.81 18.07
C LEU A 79 -14.50 23.45 16.99
N PHE A 80 -14.92 22.18 16.94
CA PHE A 80 -15.92 21.76 15.98
C PHE A 80 -17.24 22.48 16.20
N TRP A 81 -17.68 22.60 17.46
CA TRP A 81 -18.91 23.31 17.74
C TRP A 81 -18.79 24.79 17.37
N GLN A 82 -17.66 25.41 17.69
CA GLN A 82 -17.48 26.82 17.38
C GLN A 82 -17.51 27.06 15.87
N PHE A 83 -16.88 26.17 15.10
CA PHE A 83 -16.83 26.34 13.66
C PHE A 83 -18.10 25.85 12.96
N LEU A 84 -18.95 25.09 13.64
CA LEU A 84 -20.23 24.67 13.09
C LEU A 84 -21.38 25.59 13.50
N HIS A 85 -21.15 26.46 14.49
CA HIS A 85 -22.21 27.36 14.99
C HIS A 85 -22.95 28.12 13.90
N PRO A 86 -22.30 28.72 12.89
CA PRO A 86 -23.05 29.62 11.99
C PRO A 86 -23.96 28.92 10.99
N HIS A 87 -24.25 27.62 11.19
CA HIS A 87 -25.15 26.89 10.31
C HIS A 87 -26.27 26.20 11.09
N LEU A 88 -26.57 26.69 12.30
CA LEU A 88 -27.53 26.02 13.16
C LEU A 88 -28.94 26.07 12.58
N LEU A 89 -29.33 27.21 12.00
CA LEU A 89 -30.68 27.33 11.45
C LEU A 89 -30.89 26.35 10.30
N VAL A 90 -29.92 26.25 9.40
CA VAL A 90 -30.05 25.34 8.27
C VAL A 90 -30.02 23.89 8.77
N LEU A 91 -29.21 23.60 9.79
CA LEU A 91 -29.21 22.26 10.37
C LEU A 91 -30.57 21.91 10.95
N GLY A 92 -31.21 22.85 11.64
CA GLY A 92 -32.53 22.60 12.20
C GLY A 92 -33.58 22.40 11.13
N VAL A 93 -33.53 23.19 10.06
CA VAL A 93 -34.46 23.00 8.94
C VAL A 93 -34.27 21.61 8.34
N ALA A 94 -33.01 21.19 8.18
CA ALA A 94 -32.74 19.85 7.69
C ALA A 94 -33.32 18.79 8.64
N VAL A 95 -33.16 19.00 9.94
CA VAL A 95 -33.69 18.04 10.91
C VAL A 95 -35.21 17.91 10.76
N VAL A 96 -35.88 19.04 10.57
CA VAL A 96 -37.34 19.02 10.38
C VAL A 96 -37.70 18.25 9.12
N LEU A 97 -36.97 18.50 8.02
CA LEU A 97 -37.24 17.79 6.78
C LEU A 97 -37.02 16.29 6.94
N ALA A 98 -35.96 15.91 7.67
CA ALA A 98 -35.71 14.49 7.92
C ALA A 98 -36.83 13.87 8.73
N LEU A 99 -37.34 14.59 9.73
CA LEU A 99 -38.46 14.09 10.52
C LEU A 99 -39.68 13.84 9.64
N GLY A 100 -39.99 14.80 8.74
CA GLY A 100 -41.11 14.60 7.84
C GLY A 100 -40.93 13.43 6.90
N ALA A 101 -39.73 13.29 6.33
CA ALA A 101 -39.46 12.18 5.42
C ALA A 101 -39.57 10.84 6.14
N ALA A 102 -39.03 10.77 7.36
CA ALA A 102 -39.13 9.54 8.14
C ALA A 102 -40.59 9.22 8.48
N LEU A 103 -41.37 10.24 8.81
CA LEU A 103 -42.78 10.01 9.14
C LEU A 103 -43.54 9.44 7.94
N VAL A 104 -43.33 10.02 6.76
CA VAL A 104 -44.06 9.52 5.59
C VAL A 104 -43.56 8.12 5.21
N ASN A 105 -42.25 7.87 5.34
CA ASN A 105 -41.72 6.54 5.08
C ASN A 105 -42.27 5.52 6.07
N VAL A 106 -42.57 5.94 7.29
CA VAL A 106 -43.22 5.05 8.24
C VAL A 106 -44.67 4.81 7.83
N GLN A 107 -45.34 5.85 7.32
CA GLN A 107 -46.75 5.72 6.97
C GLN A 107 -46.96 4.80 5.77
N ILE A 108 -46.01 4.77 4.83
CA ILE A 108 -46.19 4.01 3.59
C ILE A 108 -46.44 2.52 3.79
N PRO A 109 -45.60 1.77 4.53
CA PRO A 109 -45.76 0.31 4.54
C PRO A 109 -47.09 -0.18 5.07
N LEU A 110 -47.64 0.47 6.09
CA LEU A 110 -48.96 0.06 6.59
C LEU A 110 -50.03 0.23 5.54
N LEU A 111 -49.97 1.35 4.80
CA LEU A 111 -50.93 1.58 3.73
C LEU A 111 -50.78 0.52 2.63
N LEU A 112 -49.55 0.18 2.28
CA LEU A 112 -49.33 -0.86 1.28
C LEU A 112 -49.86 -2.20 1.75
N GLY A 113 -49.65 -2.53 3.02
CA GLY A 113 -50.18 -3.77 3.56
C GLY A 113 -51.69 -3.81 3.55
N GLN A 114 -52.33 -2.70 3.91
CA GLN A 114 -53.79 -2.64 3.86
C GLN A 114 -54.29 -2.81 2.42
N LEU A 115 -53.61 -2.16 1.46
CA LEU A 115 -54.02 -2.27 0.07
C LEU A 115 -53.91 -3.71 -0.43
N VAL A 116 -52.78 -4.36 -0.15
CA VAL A 116 -52.61 -5.73 -0.64
C VAL A 116 -53.59 -6.67 0.07
N GLU A 117 -53.88 -6.41 1.35
CA GLU A 117 -54.83 -7.25 2.06
C GLU A 117 -56.23 -7.11 1.48
N VAL A 118 -56.67 -5.88 1.20
CA VAL A 118 -58.01 -5.71 0.65
C VAL A 118 -58.08 -6.27 -0.77
N VAL A 119 -56.99 -6.17 -1.55
CA VAL A 119 -56.97 -6.79 -2.86
C VAL A 119 -57.11 -8.30 -2.74
N ALA A 120 -56.39 -8.91 -1.81
CA ALA A 120 -56.49 -10.35 -1.61
C ALA A 120 -57.89 -10.76 -1.18
N LYS A 121 -58.50 -9.98 -0.27
CA LYS A 121 -59.86 -10.29 0.17
C LYS A 121 -60.86 -10.17 -0.97
N TYR A 122 -60.71 -9.14 -1.81
CA TYR A 122 -61.57 -9.01 -2.97
C TYR A 122 -61.41 -10.18 -3.93
N THR A 123 -60.17 -10.64 -4.12
CA THR A 123 -59.94 -11.81 -4.96
C THR A 123 -60.56 -13.07 -4.35
N ARG A 124 -60.52 -13.20 -3.03
CA ARG A 124 -61.06 -14.39 -2.37
C ARG A 124 -62.57 -14.51 -2.59
N ASP A 125 -63.29 -13.40 -2.51
CA ASP A 125 -64.74 -13.42 -2.69
C ASP A 125 -65.11 -13.68 -4.15
N MET A 131 -62.38 -4.09 -6.49
CA MET A 131 -61.42 -2.99 -6.61
C MET A 131 -62.13 -1.64 -6.44
N THR A 132 -63.31 -1.66 -5.85
CA THR A 132 -64.08 -0.44 -5.65
C THR A 132 -63.37 0.51 -4.70
N GLU A 133 -62.83 -0.01 -3.60
CA GLU A 133 -62.19 0.82 -2.58
C GLU A 133 -60.67 0.94 -2.77
N SER A 134 -60.10 0.24 -3.75
CA SER A 134 -58.65 0.26 -3.92
C SER A 134 -58.14 1.57 -4.53
N GLN A 135 -58.96 2.21 -5.37
CA GLN A 135 -58.50 3.41 -6.08
C GLN A 135 -58.19 4.55 -5.13
N ASN A 136 -59.06 4.77 -4.14
CA ASN A 136 -58.83 5.85 -3.19
C ASN A 136 -57.56 5.62 -2.39
N LEU A 137 -57.34 4.39 -1.93
CA LEU A 137 -56.13 4.08 -1.18
C LEU A 137 -54.88 4.24 -2.05
N SER A 138 -54.97 3.83 -3.32
CA SER A 138 -53.85 4.00 -4.23
C SER A 138 -53.53 5.48 -4.44
N THR A 139 -54.56 6.31 -4.61
CA THR A 139 -54.33 7.74 -4.78
C THR A 139 -53.71 8.36 -3.53
N HIS A 140 -54.19 7.94 -2.36
CA HIS A 140 -53.60 8.42 -1.11
C HIS A 140 -52.13 8.04 -1.02
N LEU A 141 -51.81 6.79 -1.39
CA LEU A 141 -50.42 6.35 -1.39
C LEU A 141 -49.57 7.19 -2.35
N LEU A 142 -50.11 7.47 -3.55
CA LEU A 142 -49.36 8.26 -4.51
C LEU A 142 -49.10 9.67 -3.99
N ILE A 143 -50.10 10.28 -3.35
CA ILE A 143 -49.91 11.63 -2.83
C ILE A 143 -48.86 11.63 -1.73
N LEU A 144 -48.98 10.71 -0.76
CA LEU A 144 -48.00 10.63 0.31
C LEU A 144 -46.60 10.38 -0.25
N TYR A 145 -46.51 9.59 -1.32
CA TYR A 145 -45.20 9.21 -1.84
C TYR A 145 -44.56 10.35 -2.63
N GLY A 146 -45.37 11.14 -3.33
CA GLY A 146 -44.85 12.36 -3.91
C GLY A 146 -44.34 13.34 -2.86
N VAL A 147 -45.09 13.45 -1.75
CA VAL A 147 -44.63 14.27 -0.64
C VAL A 147 -43.29 13.75 -0.12
N GLN A 148 -43.17 12.42 0.00
CA GLN A 148 -41.92 11.81 0.44
C GLN A 148 -40.77 12.16 -0.47
N GLY A 149 -40.99 12.08 -1.79
CA GLY A 149 -39.92 12.42 -2.73
C GLY A 149 -39.47 13.86 -2.59
N LEU A 150 -40.43 14.78 -2.49
CA LEU A 150 -40.07 16.19 -2.32
C LEU A 150 -39.29 16.40 -1.03
N LEU A 151 -39.74 15.77 0.06
CA LEU A 151 -39.08 15.95 1.35
C LEU A 151 -37.65 15.41 1.33
N THR A 152 -37.45 14.22 0.76
CA THR A 152 -36.10 13.66 0.73
C THR A 152 -35.18 14.50 -0.16
N PHE A 153 -35.69 14.98 -1.29
CA PHE A 153 -34.90 15.86 -2.14
C PHE A 153 -34.43 17.08 -1.36
N GLY A 154 -35.37 17.77 -0.72
CA GLY A 154 -35.00 18.98 0.03
C GLY A 154 -34.02 18.68 1.15
N TYR A 155 -34.30 17.64 1.93
CA TYR A 155 -33.38 17.25 2.99
C TYR A 155 -31.97 17.05 2.49
N LEU A 156 -31.77 16.17 1.50
CA LEU A 156 -30.40 15.79 1.21
C LEU A 156 -29.69 16.84 0.36
N VAL A 157 -30.45 17.73 -0.32
CA VAL A 157 -29.77 18.85 -0.95
C VAL A 157 -29.28 19.83 0.11
N LEU A 158 -30.09 20.09 1.15
CA LEU A 158 -29.61 20.95 2.23
C LEU A 158 -28.42 20.33 2.95
N LEU A 159 -28.48 19.01 3.17
CA LEU A 159 -27.38 18.30 3.82
C LEU A 159 -26.10 18.39 3.00
N SER A 160 -26.21 18.21 1.69
CA SER A 160 -25.04 18.33 0.82
C SER A 160 -24.46 19.74 0.90
N HIS A 161 -25.31 20.76 0.87
CA HIS A 161 -24.83 22.13 0.97
C HIS A 161 -24.07 22.36 2.28
N VAL A 162 -24.65 21.93 3.40
CA VAL A 162 -24.03 22.17 4.69
C VAL A 162 -22.70 21.43 4.79
N GLY A 163 -22.69 20.15 4.44
CA GLY A 163 -21.46 19.38 4.53
C GLY A 163 -20.37 19.92 3.64
N GLU A 164 -20.73 20.34 2.42
CA GLU A 164 -19.75 20.87 1.49
C GLU A 164 -19.15 22.17 2.00
N ARG A 165 -20.00 23.06 2.52
CA ARG A 165 -19.50 24.31 3.09
C ARG A 165 -18.55 24.04 4.26
N MET A 166 -18.93 23.10 5.14
CA MET A 166 -18.08 22.77 6.27
C MET A 166 -16.74 22.22 5.80
N ALA A 167 -16.76 21.35 4.79
CA ALA A 167 -15.52 20.78 4.29
C ALA A 167 -14.59 21.85 3.71
N VAL A 168 -15.14 22.77 2.92
CA VAL A 168 -14.29 23.81 2.34
C VAL A 168 -13.72 24.70 3.42
N ASP A 169 -14.55 25.11 4.39
CA ASP A 169 -14.06 25.97 5.46
C ASP A 169 -12.96 25.26 6.25
N MET A 170 -13.16 23.97 6.55
CA MET A 170 -12.16 23.23 7.31
C MET A 170 -10.86 23.08 6.54
N ARG A 171 -10.95 22.81 5.24
CA ARG A 171 -9.74 22.69 4.44
C ARG A 171 -8.95 24.00 4.43
N ARG A 172 -9.64 25.11 4.22
CA ARG A 172 -8.96 26.41 4.19
C ARG A 172 -8.32 26.72 5.53
N ALA A 173 -9.06 26.51 6.62
CA ALA A 173 -8.52 26.81 7.94
C ALA A 173 -7.33 25.92 8.28
N LEU A 174 -7.42 24.63 7.94
CA LEU A 174 -6.32 23.71 8.23
C LEU A 174 -5.07 24.09 7.44
N PHE A 175 -5.24 24.43 6.15
CA PHE A 175 -4.08 24.85 5.38
C PHE A 175 -3.45 26.12 5.97
N SER A 176 -4.28 27.10 6.31
CA SER A 176 -3.76 28.36 6.84
C SER A 176 -3.02 28.14 8.15
N SER A 177 -3.56 27.30 9.02
CA SER A 177 -2.91 27.04 10.31
C SER A 177 -1.65 26.21 10.17
N LEU A 178 -1.65 25.24 9.25
CA LEU A 178 -0.49 24.37 9.09
C LEU A 178 0.66 25.10 8.40
N LEU A 179 0.36 26.09 7.56
CA LEU A 179 1.42 26.77 6.84
C LEU A 179 2.32 27.59 7.76
N ARG A 180 1.92 27.82 9.01
CA ARG A 180 2.71 28.64 9.93
C ARG A 180 3.82 27.87 10.62
N GLN A 181 3.84 26.54 10.51
CA GLN A 181 4.76 25.74 11.29
C GLN A 181 6.18 25.85 10.75
N ASP A 182 7.14 25.50 11.61
CA ASP A 182 8.55 25.59 11.24
C ASP A 182 8.99 24.31 10.53
N ILE A 183 10.29 24.18 10.28
CA ILE A 183 10.81 23.07 9.49
C ILE A 183 10.86 21.77 10.27
N THR A 184 10.85 21.82 11.60
CA THR A 184 10.91 20.60 12.39
C THR A 184 9.70 19.71 12.11
N PHE A 185 8.51 20.30 12.04
CA PHE A 185 7.32 19.53 11.70
C PHE A 185 7.43 18.94 10.31
N PHE A 186 7.96 19.70 9.35
CA PHE A 186 7.99 19.26 7.96
C PHE A 186 8.97 18.10 7.77
N ASP A 187 10.17 18.20 8.33
CA ASP A 187 11.15 17.14 8.14
C ASP A 187 10.97 15.99 9.12
N ALA A 188 10.20 16.19 10.20
CA ALA A 188 9.89 15.07 11.07
C ALA A 188 8.90 14.12 10.42
N ASN A 189 7.89 14.67 9.74
CA ASN A 189 6.87 13.89 9.07
C ASN A 189 7.13 13.85 7.57
N LYS A 190 6.18 13.31 6.81
CA LYS A 190 6.28 13.22 5.37
C LYS A 190 5.23 14.11 4.71
N THR A 191 5.59 14.68 3.55
CA THR A 191 4.68 15.57 2.84
C THR A 191 3.49 14.81 2.28
N GLY A 192 3.70 13.58 1.79
CA GLY A 192 2.61 12.84 1.18
C GLY A 192 1.48 12.55 2.15
N GLN A 193 1.83 12.08 3.35
CA GLN A 193 0.81 11.80 4.36
C GLN A 193 0.11 13.08 4.81
N LEU A 194 0.86 14.20 4.89
CA LEU A 194 0.24 15.47 5.24
C LEU A 194 -0.79 15.88 4.19
N VAL A 195 -0.45 15.76 2.91
CA VAL A 195 -1.38 16.12 1.85
C VAL A 195 -2.59 15.19 1.87
N SER A 196 -2.37 13.89 2.07
CA SER A 196 -3.47 12.95 2.12
C SER A 196 -4.42 13.28 3.26
N ARG A 197 -3.88 13.56 4.46
CA ARG A 197 -4.72 13.94 5.59
C ARG A 197 -5.44 15.24 5.31
N LEU A 198 -4.78 16.19 4.65
CA LEU A 198 -5.39 17.49 4.39
C LEU A 198 -6.58 17.37 3.45
N THR A 199 -6.46 16.55 2.40
CA THR A 199 -7.54 16.46 1.41
C THR A 199 -8.47 15.28 1.62
N THR A 200 -7.95 14.06 1.50
CA THR A 200 -8.81 12.89 1.39
C THR A 200 -9.43 12.53 2.73
N ASP A 201 -8.67 12.64 3.81
CA ASP A 201 -9.21 12.29 5.13
C ASP A 201 -10.35 13.22 5.52
N VAL A 202 -10.20 14.52 5.28
CA VAL A 202 -11.29 15.44 5.61
C VAL A 202 -12.47 15.26 4.68
N GLN A 203 -12.22 14.93 3.40
CA GLN A 203 -13.34 14.66 2.50
C GLN A 203 -14.15 13.46 2.98
N GLU A 204 -13.45 12.38 3.36
CA GLU A 204 -14.13 11.19 3.88
C GLU A 204 -14.83 11.50 5.21
N PHE A 205 -14.21 12.33 6.05
CA PHE A 205 -14.84 12.72 7.31
C PHE A 205 -16.15 13.44 7.07
N LYS A 206 -16.16 14.41 6.15
CA LYS A 206 -17.39 15.13 5.84
C LYS A 206 -18.45 14.20 5.26
N SER A 207 -18.03 13.32 4.34
CA SER A 207 -18.98 12.37 3.75
C SER A 207 -19.62 11.50 4.81
N SER A 208 -18.79 10.89 5.67
CA SER A 208 -19.31 10.04 6.73
C SER A 208 -20.19 10.82 7.69
N PHE A 209 -19.81 12.06 8.00
CA PHE A 209 -20.55 12.85 8.97
C PHE A 209 -21.95 13.17 8.46
N LYS A 210 -22.06 13.63 7.21
CA LYS A 210 -23.40 13.93 6.69
C LYS A 210 -24.20 12.65 6.45
N LEU A 211 -23.54 11.56 6.03
CA LEU A 211 -24.24 10.29 5.87
C LEU A 211 -24.81 9.82 7.19
N VAL A 212 -24.06 9.97 8.27
CA VAL A 212 -24.56 9.61 9.60
C VAL A 212 -25.73 10.50 9.98
N ILE A 213 -25.59 11.82 9.75
CA ILE A 213 -26.66 12.75 10.09
C ILE A 213 -27.96 12.33 9.43
N SER A 214 -27.89 11.96 8.15
CA SER A 214 -29.10 11.51 7.46
C SER A 214 -29.59 10.17 8.02
N GLN A 215 -28.74 9.14 7.91
CA GLN A 215 -29.21 7.78 8.10
C GLN A 215 -29.59 7.49 9.54
N GLY A 216 -28.79 7.92 10.51
CA GLY A 216 -29.09 7.61 11.90
C GLY A 216 -30.39 8.22 12.36
N LEU A 217 -30.59 9.50 12.07
CA LEU A 217 -31.84 10.16 12.43
C LEU A 217 -33.01 9.52 11.72
N ARG A 218 -32.87 9.26 10.41
CA ARG A 218 -33.97 8.67 9.65
C ARG A 218 -34.35 7.31 10.22
N SER A 219 -33.36 6.48 10.52
CA SER A 219 -33.65 5.12 10.96
C SER A 219 -34.18 5.09 12.38
N CYS A 220 -33.64 5.92 13.28
CA CYS A 220 -34.16 5.96 14.64
C CYS A 220 -35.59 6.46 14.66
N THR A 221 -35.89 7.52 13.90
CA THR A 221 -37.27 7.99 13.82
C THR A 221 -38.18 6.96 13.16
N GLN A 222 -37.68 6.24 12.16
CA GLN A 222 -38.46 5.18 11.53
C GLN A 222 -38.82 4.11 12.54
N VAL A 223 -37.85 3.66 13.33
CA VAL A 223 -38.09 2.62 14.32
C VAL A 223 -39.10 3.10 15.36
N ALA A 224 -38.91 4.32 15.87
CA ALA A 224 -39.83 4.85 16.86
C ALA A 224 -41.25 4.93 16.32
N GLY A 225 -41.40 5.49 15.11
CA GLY A 225 -42.73 5.65 14.54
C GLY A 225 -43.42 4.33 14.26
N CYS A 226 -42.70 3.38 13.64
CA CYS A 226 -43.32 2.10 13.33
C CYS A 226 -43.67 1.34 14.59
N LEU A 227 -42.81 1.37 15.60
CA LEU A 227 -43.12 0.69 16.85
C LEU A 227 -44.34 1.30 17.51
N VAL A 228 -44.42 2.63 17.54
CA VAL A 228 -45.57 3.30 18.16
C VAL A 228 -46.86 2.94 17.41
N SER A 229 -46.81 2.99 16.08
CA SER A 229 -48.00 2.70 15.29
C SER A 229 -48.45 1.26 15.46
N LEU A 230 -47.51 0.32 15.46
CA LEU A 230 -47.87 -1.09 15.64
C LEU A 230 -48.43 -1.34 17.03
N SER A 231 -47.86 -0.69 18.06
CA SER A 231 -48.41 -0.82 19.40
C SER A 231 -49.82 -0.27 19.48
N MET A 232 -50.07 0.88 18.85
CA MET A 232 -51.41 1.44 18.83
C MET A 232 -52.34 0.68 17.92
N LEU A 233 -51.82 -0.11 16.98
CA LEU A 233 -52.65 -0.86 16.06
C LEU A 233 -53.37 -2.00 16.77
N THR A 235 -50.95 -4.72 19.58
CA THR A 235 -50.83 -4.57 21.03
C THR A 235 -49.49 -5.07 21.53
N ARG A 236 -49.49 -5.81 22.64
CA ARG A 236 -48.26 -6.35 23.20
C ARG A 236 -47.59 -7.34 22.27
N LEU A 237 -48.34 -7.95 21.35
CA LEU A 237 -47.74 -8.88 20.39
C LEU A 237 -46.74 -8.15 19.49
N THR A 238 -47.07 -6.93 19.08
CA THR A 238 -46.13 -6.15 18.27
C THR A 238 -44.85 -5.86 19.05
N LEU A 239 -44.97 -5.52 20.33
CA LEU A 239 -43.79 -5.29 21.15
C LEU A 239 -42.95 -6.55 21.30
N LEU A 240 -43.60 -7.69 21.48
CA LEU A 240 -42.87 -8.96 21.57
C LEU A 240 -42.14 -9.26 20.28
N LEU A 241 -42.80 -9.04 19.14
CA LEU A 241 -42.16 -9.27 17.85
C LEU A 241 -40.97 -8.34 17.66
N MET A 242 -41.12 -7.06 18.04
CA MET A 242 -40.01 -6.12 17.92
C MET A 242 -38.84 -6.53 18.80
N VAL A 243 -39.12 -7.00 20.01
CA VAL A 243 -38.06 -7.47 20.91
C VAL A 243 -37.36 -8.68 20.31
N ALA A 244 -38.13 -9.61 19.74
CA ALA A 244 -37.53 -10.81 19.17
C ALA A 244 -36.73 -10.51 17.91
N THR A 245 -37.09 -9.46 17.18
CA THR A 245 -36.41 -9.14 15.94
C THR A 245 -34.91 -8.94 16.10
N PRO A 246 -34.42 -8.23 17.12
CA PRO A 246 -32.95 -8.08 17.25
C PRO A 246 -32.23 -9.41 17.41
N ALA A 247 -32.83 -10.37 18.12
CA ALA A 247 -32.20 -11.68 18.25
C ALA A 247 -32.10 -12.37 16.89
N LEU A 248 -33.14 -12.28 16.07
CA LEU A 248 -33.09 -12.87 14.74
C LEU A 248 -32.06 -12.18 13.87
N MET A 249 -31.94 -10.85 13.99
CA MET A 249 -30.92 -10.13 13.24
C MET A 249 -29.52 -10.57 13.65
N GLY A 250 -29.29 -10.75 14.95
CA GLY A 250 -28.01 -11.25 15.40
C GLY A 250 -27.72 -12.65 14.92
N VAL A 251 -28.73 -13.52 14.94
CA VAL A 251 -28.56 -14.89 14.44
C VAL A 251 -28.22 -14.87 12.95
N GLY A 252 -28.84 -13.96 12.20
CA GLY A 252 -28.52 -13.84 10.79
C GLY A 252 -27.10 -13.34 10.56
N THR A 253 -26.68 -12.34 11.32
CA THR A 253 -25.32 -11.83 11.21
C THR A 253 -24.29 -12.82 11.74
N LEU A 254 -24.72 -13.84 12.48
CA LEU A 254 -23.80 -14.88 12.91
C LEU A 254 -23.14 -15.59 11.73
N MET A 255 -23.80 -15.64 10.58
CA MET A 255 -23.18 -16.23 9.40
C MET A 255 -21.98 -15.41 8.94
N GLY A 256 -22.14 -14.08 8.87
CA GLY A 256 -21.01 -13.22 8.57
C GLY A 256 -19.93 -13.26 9.62
N SER A 257 -20.33 -13.42 10.89
CA SER A 257 -19.34 -13.57 11.95
C SER A 257 -18.52 -14.84 11.76
N GLY A 258 -19.18 -15.94 11.40
CA GLY A 258 -18.46 -17.16 11.08
C GLY A 258 -17.57 -16.98 9.87
N LEU A 259 -18.02 -16.21 8.88
CA LEU A 259 -17.20 -15.96 7.70
C LEU A 259 -15.92 -15.21 8.04
N ARG A 260 -16.03 -14.14 8.85
CA ARG A 260 -14.83 -13.40 9.22
C ARG A 260 -13.93 -14.24 10.11
N LYS A 261 -14.50 -15.05 11.00
CA LYS A 261 -13.69 -15.92 11.84
C LYS A 261 -12.94 -16.93 10.99
N LEU A 262 -13.60 -17.51 9.99
CA LEU A 262 -12.94 -18.44 9.07
C LEU A 262 -11.79 -17.77 8.34
N SER A 263 -12.04 -16.57 7.79
CA SER A 263 -11.00 -15.86 7.06
C SER A 263 -9.81 -15.53 7.94
N ARG A 264 -10.08 -15.02 9.15
CA ARG A 264 -9.00 -14.63 10.05
C ARG A 264 -8.20 -15.85 10.50
N GLN A 265 -8.88 -16.95 10.83
CA GLN A 265 -8.18 -18.15 11.26
C GLN A 265 -7.34 -18.73 10.14
N CYS A 266 -7.88 -18.76 8.92
CA CYS A 266 -7.10 -19.25 7.78
C CYS A 266 -5.88 -18.38 7.53
N GLN A 267 -6.04 -17.07 7.60
CA GLN A 267 -4.90 -16.17 7.39
C GLN A 267 -3.85 -16.38 8.47
N GLU A 268 -4.26 -16.52 9.73
CA GLU A 268 -3.31 -16.73 10.81
C GLU A 268 -2.57 -18.05 10.64
N GLN A 269 -3.29 -19.11 10.27
CA GLN A 269 -2.63 -20.41 10.07
C GLN A 269 -1.66 -20.35 8.89
N ILE A 270 -2.04 -19.67 7.82
CA ILE A 270 -1.14 -19.54 6.67
C ILE A 270 0.11 -18.76 7.06
N ALA A 271 -0.06 -17.67 7.81
CA ALA A 271 1.10 -16.88 8.22
C ALA A 271 2.01 -17.68 9.15
N ARG A 272 1.44 -18.44 10.07
CA ARG A 272 2.26 -19.21 11.00
C ARG A 272 2.98 -20.36 10.30
N ALA A 273 2.28 -21.07 9.41
CA ALA A 273 2.89 -22.24 8.78
C ALA A 273 3.92 -21.85 7.73
N MET A 274 3.63 -20.82 6.94
CA MET A 274 4.54 -20.43 5.87
C MET A 274 5.77 -19.71 6.43
N GLY A 275 6.68 -19.34 5.54
CA GLY A 275 7.92 -18.69 5.90
C GLY A 275 9.15 -19.40 5.38
N VAL A 276 9.08 -20.74 5.26
CA VAL A 276 10.21 -21.50 4.74
C VAL A 276 10.48 -21.10 3.29
N ALA A 277 9.42 -21.02 2.48
CA ALA A 277 9.58 -20.58 1.10
C ALA A 277 10.06 -19.15 1.03
N ASP A 278 9.55 -18.28 1.90
CA ASP A 278 10.00 -16.88 1.92
C ASP A 278 11.47 -16.80 2.29
N GLU A 279 11.91 -17.58 3.28
CA GLU A 279 13.32 -17.58 3.65
C GLU A 279 14.19 -18.11 2.52
N ALA A 280 13.73 -19.18 1.85
CA ALA A 280 14.51 -19.76 0.77
C ALA A 280 14.66 -18.79 -0.40
N LEU A 281 13.56 -18.14 -0.79
CA LEU A 281 13.62 -17.23 -1.93
C LEU A 281 14.24 -15.88 -1.58
N GLY A 282 14.28 -15.53 -0.29
CA GLY A 282 14.91 -14.27 0.09
C GLY A 282 16.40 -14.24 -0.23
N ASN A 283 17.08 -15.34 0.04
CA ASN A 283 18.49 -15.51 -0.32
C ASN A 283 18.58 -16.63 -1.34
N VAL A 284 18.39 -16.28 -2.62
CA VAL A 284 18.41 -17.30 -3.67
C VAL A 284 19.82 -17.53 -4.18
N ARG A 285 20.69 -16.53 -4.08
CA ARG A 285 22.07 -16.71 -4.52
C ARG A 285 22.76 -17.81 -3.74
N THR A 286 22.58 -17.83 -2.42
CA THR A 286 23.23 -18.83 -1.59
C THR A 286 22.64 -20.22 -1.82
N VAL A 287 21.31 -20.31 -1.92
CA VAL A 287 20.69 -21.62 -2.12
C VAL A 287 21.04 -22.17 -3.50
N ARG A 288 21.30 -21.30 -4.48
CA ARG A 288 21.74 -21.78 -5.79
C ARG A 288 23.22 -22.11 -5.79
N ALA A 289 24.00 -21.45 -4.92
CA ALA A 289 25.45 -21.61 -4.95
C ALA A 289 25.89 -22.94 -4.34
N PHE A 290 25.23 -23.37 -3.26
CA PHE A 290 25.68 -24.56 -2.54
C PHE A 290 25.06 -25.85 -3.08
N ALA A 291 24.26 -25.74 -4.16
CA ALA A 291 23.86 -26.91 -5.00
C ALA A 291 22.69 -27.82 -4.60
N MET A 292 21.95 -27.60 -3.51
CA MET A 292 20.84 -28.51 -3.24
C MET A 292 19.51 -27.79 -3.33
N GLU A 293 18.51 -28.54 -3.81
CA GLU A 293 17.09 -28.14 -3.92
C GLU A 293 16.18 -29.22 -3.33
N GLN A 294 16.74 -30.38 -2.95
CA GLN A 294 15.95 -31.50 -2.42
C GLN A 294 15.53 -31.23 -0.98
N ARG A 295 16.49 -30.92 -0.11
CA ARG A 295 16.20 -30.72 1.31
C ARG A 295 15.12 -29.67 1.50
N GLU A 296 15.19 -28.59 0.71
CA GLU A 296 14.11 -27.62 0.71
C GLU A 296 12.80 -28.26 0.28
N GLU A 297 12.83 -29.22 -0.66
CA GLU A 297 11.58 -29.84 -1.09
C GLU A 297 10.94 -30.65 0.04
N GLU A 298 11.70 -31.50 0.75
CA GLU A 298 11.00 -32.24 1.79
C GLU A 298 10.63 -31.36 2.98
N ARG A 299 11.43 -30.33 3.29
CA ARG A 299 11.02 -29.41 4.35
C ARG A 299 9.75 -28.67 3.98
N TYR A 300 9.65 -28.19 2.74
CA TYR A 300 8.45 -27.50 2.29
C TYR A 300 7.25 -28.45 2.27
N GLY A 301 7.47 -29.70 1.84
CA GLY A 301 6.40 -30.67 1.87
C GLY A 301 5.90 -30.96 3.27
N ALA A 302 6.82 -31.09 4.22
CA ALA A 302 6.42 -31.32 5.61
C ALA A 302 5.65 -30.13 6.16
N GLU A 303 6.11 -28.91 5.87
CA GLU A 303 5.40 -27.71 6.34
C GLU A 303 4.00 -27.65 5.76
N LEU A 304 3.88 -27.93 4.46
CA LEU A 304 2.56 -27.94 3.83
C LEU A 304 1.68 -29.08 4.32
N GLU A 305 2.25 -30.22 4.69
CA GLU A 305 1.44 -31.28 5.26
C GLU A 305 0.92 -30.89 6.64
N ALA A 306 1.74 -30.23 7.45
CA ALA A 306 1.28 -29.74 8.74
C ALA A 306 0.17 -28.70 8.57
N CYS A 307 0.39 -27.73 7.68
CA CYS A 307 -0.65 -26.73 7.39
C CYS A 307 -1.89 -27.40 6.82
N ARG A 308 -1.70 -28.49 6.07
CA ARG A 308 -2.81 -29.26 5.51
C ARG A 308 -3.66 -29.86 6.62
N CYS A 309 -3.02 -30.51 7.59
CA CYS A 309 -3.76 -31.09 8.69
C CYS A 309 -4.52 -30.00 9.45
N ARG A 310 -3.81 -28.95 9.85
CA ARG A 310 -4.45 -27.85 10.57
C ARG A 310 -5.64 -27.30 9.78
N ALA A 311 -5.52 -27.25 8.46
CA ALA A 311 -6.62 -26.81 7.62
C ALA A 311 -7.81 -27.76 7.69
N GLU A 312 -7.56 -29.08 7.72
CA GLU A 312 -8.69 -30.00 7.84
C GLU A 312 -9.44 -29.80 9.17
N GLU A 313 -8.71 -29.73 10.29
CA GLU A 313 -9.46 -29.49 11.54
C GLU A 313 -10.13 -28.12 11.55
N LEU A 314 -9.48 -27.07 11.03
CA LEU A 314 -10.11 -25.75 11.05
C LEU A 314 -11.38 -25.74 10.20
N GLY A 315 -11.32 -26.34 9.02
CA GLY A 315 -12.50 -26.40 8.17
C GLY A 315 -13.61 -27.22 8.78
N ARG A 316 -13.27 -28.35 9.41
CA ARG A 316 -14.29 -29.17 10.07
C ARG A 316 -14.97 -28.39 11.19
N GLY A 317 -14.18 -27.66 11.99
CA GLY A 317 -14.76 -26.86 13.06
C GLY A 317 -15.67 -25.76 12.53
N ILE A 318 -15.24 -25.06 11.49
CA ILE A 318 -16.07 -24.02 10.89
C ILE A 318 -17.35 -24.61 10.33
N ALA A 319 -17.23 -25.80 9.73
CA ALA A 319 -18.40 -26.50 9.21
C ALA A 319 -19.42 -26.78 10.30
N LEU A 320 -18.97 -27.37 11.40
CA LEU A 320 -19.89 -27.69 12.49
C LEU A 320 -20.49 -26.41 13.08
N PHE A 321 -19.67 -25.36 13.22
CA PHE A 321 -20.17 -24.11 13.78
C PHE A 321 -21.27 -23.50 12.91
N GLN A 322 -21.04 -23.43 11.60
CA GLN A 322 -22.04 -22.83 10.72
C GLN A 322 -23.29 -23.70 10.65
N GLY A 323 -23.12 -25.03 10.70
CA GLY A 323 -24.29 -25.90 10.71
C GLY A 323 -25.16 -25.69 11.94
N LEU A 324 -24.52 -25.58 13.10
CA LEU A 324 -25.27 -25.30 14.32
C LEU A 324 -25.92 -23.92 14.26
N SER A 325 -25.22 -22.94 13.71
CA SER A 325 -25.80 -21.61 13.56
C SER A 325 -27.07 -21.66 12.73
N ASN A 326 -27.02 -22.33 11.57
CA ASN A 326 -28.19 -22.40 10.71
C ASN A 326 -29.34 -23.17 11.38
N ILE A 327 -29.02 -24.33 11.99
CA ILE A 327 -30.07 -25.14 12.59
C ILE A 327 -30.78 -24.34 13.67
N ALA A 328 -30.02 -23.67 14.55
CA ALA A 328 -30.63 -22.90 15.63
C ALA A 328 -31.40 -21.70 15.08
N PHE A 329 -30.85 -21.04 14.04
CA PHE A 329 -31.48 -19.83 13.53
C PHE A 329 -32.87 -20.13 12.98
N ASN A 330 -32.98 -21.10 12.08
CA ASN A 330 -34.30 -21.34 11.50
C ASN A 330 -35.22 -22.09 12.45
N CYS A 331 -34.66 -22.86 13.39
CA CYS A 331 -35.52 -23.41 14.45
C CYS A 331 -36.14 -22.30 15.26
N MET A 332 -35.36 -21.27 15.60
CA MET A 332 -35.91 -20.10 16.30
C MET A 332 -36.94 -19.39 15.43
N VAL A 333 -36.68 -19.27 14.13
CA VAL A 333 -37.64 -18.62 13.24
C VAL A 333 -38.99 -19.33 13.30
N LEU A 334 -38.97 -20.66 13.14
CA LEU A 334 -40.22 -21.42 13.14
C LEU A 334 -40.91 -21.35 14.51
N GLY A 335 -40.13 -21.50 15.58
CA GLY A 335 -40.70 -21.47 16.91
C GLY A 335 -41.37 -20.14 17.22
N THR A 336 -40.72 -19.03 16.85
CA THR A 336 -41.32 -17.72 17.06
C THR A 336 -42.57 -17.55 16.21
N LEU A 337 -42.48 -17.88 14.91
CA LEU A 337 -43.62 -17.70 14.02
C LEU A 337 -44.83 -18.50 14.48
N PHE A 338 -44.60 -19.63 15.15
CA PHE A 338 -45.72 -20.39 15.67
C PHE A 338 -46.21 -19.83 17.00
N ILE A 339 -45.31 -19.70 17.97
CA ILE A 339 -45.70 -19.40 19.36
C ILE A 339 -46.30 -18.01 19.46
N GLY A 340 -45.69 -17.01 18.80
CA GLY A 340 -46.20 -15.66 18.91
C GLY A 340 -47.62 -15.54 18.41
N GLY A 341 -47.89 -16.11 17.23
CA GLY A 341 -49.25 -16.10 16.71
C GLY A 341 -50.22 -16.87 17.59
N SER A 342 -49.80 -18.05 18.07
CA SER A 342 -50.68 -18.85 18.91
C SER A 342 -51.05 -18.11 20.19
N LEU A 343 -50.09 -17.43 20.81
CA LEU A 343 -50.37 -16.71 22.04
C LEU A 343 -51.17 -15.45 21.78
N VAL A 344 -50.91 -14.75 20.67
CA VAL A 344 -51.66 -13.53 20.37
C VAL A 344 -53.09 -13.87 19.96
N ALA A 345 -53.34 -15.12 19.52
CA ALA A 345 -54.70 -15.51 19.17
C ALA A 345 -55.65 -15.38 20.35
N GLY A 346 -55.16 -15.57 21.57
CA GLY A 346 -55.99 -15.43 22.75
C GLY A 346 -56.26 -13.99 23.13
N GLN A 348 -59.15 -10.74 20.11
CA GLN A 348 -59.78 -10.70 18.79
C GLN A 348 -59.33 -9.47 18.01
N LEU A 349 -58.31 -9.64 17.18
CA LEU A 349 -57.77 -8.55 16.39
C LEU A 349 -58.40 -8.56 15.00
N THR A 350 -58.05 -7.56 14.19
CA THR A 350 -58.58 -7.46 12.84
C THR A 350 -58.02 -8.56 11.95
N GLY A 351 -58.85 -9.02 11.01
CA GLY A 351 -58.39 -10.04 10.08
C GLY A 351 -57.25 -9.56 9.20
N GLY A 352 -57.34 -8.31 8.73
CA GLY A 352 -56.28 -7.73 7.94
C GLY A 352 -55.13 -7.14 8.71
N ASP A 353 -55.18 -7.20 10.03
CA ASP A 353 -54.08 -6.65 10.84
C ASP A 353 -52.79 -7.41 10.60
N LEU A 354 -52.87 -8.74 10.47
CA LEU A 354 -51.67 -9.54 10.26
C LEU A 354 -50.99 -9.19 8.95
N MET A 355 -51.78 -9.01 7.88
CA MET A 355 -51.20 -8.67 6.58
C MET A 355 -50.49 -7.33 6.62
N SER A 356 -51.09 -6.34 7.30
CA SER A 356 -50.44 -5.04 7.44
C SER A 356 -49.22 -5.13 8.34
N PHE A 357 -49.20 -6.08 9.28
CA PHE A 357 -48.07 -6.21 10.20
C PHE A 357 -46.87 -6.89 9.54
N LEU A 358 -47.12 -7.82 8.60
CA LEU A 358 -46.02 -8.59 8.02
C LEU A 358 -45.05 -7.75 7.19
N VAL A 359 -45.40 -6.52 6.84
CA VAL A 359 -44.56 -5.74 5.94
C VAL A 359 -43.54 -4.89 6.71
N ALA A 360 -43.87 -4.45 7.92
CA ALA A 360 -42.97 -3.59 8.68
C ALA A 360 -41.71 -4.32 9.14
N SER A 361 -41.73 -5.66 9.13
CA SER A 361 -40.56 -6.41 9.54
C SER A 361 -39.36 -6.14 8.63
N GLN A 362 -39.60 -6.07 7.31
CA GLN A 362 -38.52 -5.76 6.38
C GLN A 362 -37.95 -4.38 6.65
N THR A 363 -38.81 -3.40 6.89
CA THR A 363 -38.34 -2.04 7.16
C THR A 363 -37.51 -1.98 8.43
N VAL A 364 -37.97 -2.62 9.50
CA VAL A 364 -37.23 -2.57 10.75
C VAL A 364 -35.91 -3.32 10.61
N GLN A 365 -35.89 -4.44 9.89
CA GLN A 365 -34.66 -5.17 9.66
C GLN A 365 -33.65 -4.31 8.89
N ARG A 366 -34.12 -3.61 7.86
CA ARG A 366 -33.24 -2.71 7.11
C ARG A 366 -32.72 -1.60 8.02
N SER A 367 -33.57 -1.09 8.91
CA SER A 367 -33.13 -0.04 9.83
C SER A 367 -32.03 -0.53 10.75
N MET A 368 -32.20 -1.73 11.32
CA MET A 368 -31.15 -2.25 12.21
C MET A 368 -29.86 -2.53 11.45
N ALA A 369 -29.96 -2.99 10.20
CA ALA A 369 -28.75 -3.14 9.39
C ALA A 369 -28.07 -1.80 9.17
N ASN A 370 -28.87 -0.76 8.91
CA ASN A 370 -28.32 0.58 8.75
C ASN A 370 -27.60 1.04 10.01
N LEU A 371 -28.20 0.82 11.18
CA LEU A 371 -27.51 1.15 12.43
C LEU A 371 -26.22 0.35 12.58
N SER A 372 -26.24 -0.94 12.23
CA SER A 372 -25.05 -1.76 12.39
C SER A 372 -23.89 -1.23 11.57
N VAL A 373 -24.16 -0.87 10.31
CA VAL A 373 -23.09 -0.32 9.47
C VAL A 373 -22.72 1.09 9.93
N LEU A 374 -23.72 1.87 10.35
CA LEU A 374 -23.49 3.25 10.72
C LEU A 374 -22.67 3.37 12.01
N PHE A 375 -22.67 2.34 12.85
CA PHE A 375 -21.78 2.37 14.01
C PHE A 375 -20.32 2.41 13.58
N GLY A 376 -19.96 1.57 12.60
CA GLY A 376 -18.61 1.62 12.05
C GLY A 376 -18.33 2.94 11.36
N GLN A 377 -19.32 3.45 10.61
CA GLN A 377 -19.13 4.78 10.01
C GLN A 377 -18.84 5.83 11.06
N VAL A 378 -19.57 5.81 12.17
CA VAL A 378 -19.39 6.81 13.23
C VAL A 378 -18.01 6.68 13.84
N VAL A 379 -17.59 5.46 14.15
CA VAL A 379 -16.29 5.31 14.82
C VAL A 379 -15.16 5.77 13.90
N ARG A 380 -15.22 5.38 12.61
CA ARG A 380 -14.19 5.81 11.68
C ARG A 380 -14.19 7.33 11.51
N GLY A 381 -15.38 7.92 11.38
CA GLY A 381 -15.47 9.36 11.20
C GLY A 381 -14.98 10.13 12.41
N LEU A 382 -15.32 9.66 13.62
CA LEU A 382 -14.87 10.37 14.81
C LEU A 382 -13.36 10.26 14.98
N SER A 383 -12.78 9.10 14.65
CA SER A 383 -11.32 8.98 14.69
C SER A 383 -10.66 9.94 13.71
N ALA A 384 -11.18 9.99 12.48
CA ALA A 384 -10.61 10.87 11.46
C ALA A 384 -10.74 12.34 11.87
N GLY A 385 -11.91 12.72 12.39
CA GLY A 385 -12.09 14.10 12.82
C GLY A 385 -11.21 14.45 14.01
N ALA A 386 -11.03 13.52 14.94
CA ALA A 386 -10.17 13.76 16.09
C ALA A 386 -8.73 13.99 15.65
N ARG A 387 -8.23 13.16 14.73
CA ARG A 387 -6.84 13.36 14.29
C ARG A 387 -6.71 14.64 13.47
N VAL A 388 -7.72 14.96 12.65
CA VAL A 388 -7.68 16.19 11.87
C VAL A 388 -7.62 17.40 12.80
N PHE A 389 -8.45 17.41 13.84
CA PHE A 389 -8.48 18.56 14.73
C PHE A 389 -7.26 18.61 15.63
N GLU A 390 -6.68 17.44 15.95
CA GLU A 390 -5.43 17.42 16.70
C GLU A 390 -4.29 18.04 15.89
N TYR A 391 -4.22 17.72 14.60
CA TYR A 391 -3.17 18.27 13.75
C TYR A 391 -3.53 19.59 13.10
N MET A 392 -4.73 20.13 13.37
CA MET A 392 -5.17 21.34 12.69
C MET A 392 -4.67 22.61 13.37
N ALA A 393 -4.69 22.65 14.70
CA ALA A 393 -4.33 23.85 15.44
C ALA A 393 -3.17 23.53 16.38
N LEU A 394 -2.00 24.09 16.09
CA LEU A 394 -0.82 23.92 16.91
C LEU A 394 -0.27 25.31 17.25
N ASN A 395 0.91 25.33 17.86
CA ASN A 395 1.61 26.54 18.24
C ASN A 395 2.98 26.56 17.57
N PRO A 396 3.26 27.57 16.73
CA PRO A 396 4.54 27.59 16.03
C PRO A 396 5.72 27.65 17.00
N CYS A 397 6.77 26.91 16.66
CA CYS A 397 7.95 26.86 17.53
C CYS A 397 8.64 28.22 17.62
N ILE A 398 8.77 28.91 16.49
CA ILE A 398 9.38 30.23 16.46
C ILE A 398 8.41 31.19 15.78
N PRO A 399 8.20 32.39 16.33
CA PRO A 399 7.27 33.34 15.69
C PRO A 399 7.74 33.71 14.28
N LEU A 400 6.77 33.84 13.37
CA LEU A 400 7.07 34.21 12.01
C LEU A 400 6.87 35.70 11.75
N SER A 401 5.91 36.32 12.42
CA SER A 401 5.67 37.75 12.30
C SER A 401 6.36 38.58 13.36
N GLY A 402 7.17 37.96 14.21
CA GLY A 402 7.86 38.67 15.26
C GLY A 402 8.86 39.69 14.77
N ARG A 412 22.16 45.88 6.50
CA ARG A 412 23.05 46.61 5.62
C ARG A 412 24.48 46.63 6.16
N GLY A 413 25.14 45.47 6.13
CA GLY A 413 26.48 45.38 6.65
C GLY A 413 26.97 43.94 6.63
N SER A 414 28.01 43.69 7.41
CA SER A 414 28.62 42.38 7.47
C SER A 414 27.85 41.45 8.39
N VAL A 415 28.10 40.15 8.25
CA VAL A 415 27.48 39.12 9.07
C VAL A 415 28.57 38.16 9.54
N THR A 416 28.46 37.71 10.79
CA THR A 416 29.49 36.87 11.38
C THR A 416 28.88 35.91 12.39
N PHE A 417 29.61 34.83 12.65
CA PHE A 417 29.25 33.83 13.64
C PHE A 417 30.20 33.94 14.83
N GLN A 418 29.83 33.31 15.93
CA GLN A 418 30.72 33.25 17.10
C GLN A 418 30.36 32.01 17.92
N ASN A 419 31.23 31.00 17.85
CA ASN A 419 31.13 29.80 18.67
C ASN A 419 29.77 29.12 18.54
N VAL A 420 29.26 29.08 17.31
CA VAL A 420 27.94 28.52 17.04
C VAL A 420 28.09 27.01 16.89
N CYS A 421 27.38 26.26 17.73
CA CYS A 421 27.31 24.81 17.64
C CYS A 421 25.85 24.40 17.51
N PHE A 422 25.60 23.32 16.77
CA PHE A 422 24.24 22.89 16.51
C PHE A 422 24.23 21.44 16.07
N SER A 423 23.10 20.78 16.32
CA SER A 423 22.87 19.42 15.83
C SER A 423 21.40 19.31 15.45
N TYR A 424 21.12 18.37 14.55
CA TYR A 424 19.75 18.18 14.08
C TYR A 424 18.86 17.74 15.23
N PRO A 425 17.65 18.30 15.34
CA PRO A 425 16.76 17.90 16.46
C PRO A 425 16.46 16.42 16.50
N CYS A 426 16.29 15.78 15.34
CA CYS A 426 16.09 14.34 15.30
C CYS A 426 17.44 13.65 15.32
N ARG A 427 17.56 12.60 16.14
CA ARG A 427 18.80 11.88 16.38
C ARG A 427 19.90 12.84 16.81
N PRO A 428 19.81 13.42 18.01
CA PRO A 428 20.86 14.35 18.46
C PRO A 428 22.22 13.72 18.62
N GLY A 429 22.32 12.39 18.63
CA GLY A 429 23.62 11.76 18.77
C GLY A 429 24.56 12.09 17.63
N PHE A 430 24.01 12.27 16.43
CA PHE A 430 24.79 12.67 15.27
C PHE A 430 24.97 14.18 15.43
N GLU A 431 26.13 14.59 15.94
CA GLU A 431 26.40 16.00 16.12
C GLU A 431 27.00 16.57 14.83
N VAL A 432 26.86 17.88 14.65
CA VAL A 432 27.26 18.52 13.41
C VAL A 432 28.35 19.56 13.65
N LEU A 433 28.06 20.57 14.46
CA LEU A 433 28.91 21.75 14.59
C LEU A 433 29.77 21.65 15.85
N LYS A 434 31.09 21.62 15.67
CA LYS A 434 32.06 21.69 16.77
C LYS A 434 32.67 23.10 16.81
N ASP A 435 31.99 24.00 17.53
CA ASP A 435 32.50 25.34 17.83
C ASP A 435 32.95 26.06 16.56
N PHE A 436 31.95 26.35 15.72
CA PHE A 436 32.22 26.92 14.41
C PHE A 436 32.21 28.45 14.48
N THR A 437 33.29 29.07 14.01
CA THR A 437 33.41 30.52 13.97
C THR A 437 33.74 30.95 12.55
N LEU A 438 33.02 31.95 12.05
CA LEU A 438 33.25 32.46 10.71
C LEU A 438 32.66 33.85 10.60
N THR A 439 33.27 34.68 9.74
CA THR A 439 32.80 36.03 9.49
C THR A 439 32.75 36.27 7.98
N LEU A 440 31.84 37.14 7.57
CA LEU A 440 31.70 37.52 6.16
C LEU A 440 32.06 38.99 6.01
N PRO A 441 33.12 39.32 5.27
CA PRO A 441 33.44 40.73 5.01
C PRO A 441 32.32 41.41 4.26
N PRO A 442 32.04 42.68 4.57
CA PRO A 442 30.91 43.39 3.93
C PRO A 442 31.19 43.84 2.49
N GLY A 443 31.00 42.91 1.56
CA GLY A 443 31.15 43.23 0.15
C GLY A 443 32.24 42.45 -0.54
N LYS A 444 32.49 41.22 -0.10
CA LYS A 444 33.53 40.39 -0.68
C LYS A 444 32.99 38.97 -0.89
N ILE A 445 33.64 38.25 -1.79
CA ILE A 445 33.21 36.90 -2.16
C ILE A 445 33.79 35.90 -1.18
N VAL A 446 32.94 35.03 -0.64
CA VAL A 446 33.35 34.01 0.30
C VAL A 446 32.82 32.65 -0.18
N ALA A 447 33.66 31.63 -0.12
CA ALA A 447 33.32 30.30 -0.57
C ALA A 447 33.56 29.28 0.54
N LEU A 448 33.17 28.04 0.27
CA LEU A 448 33.33 26.93 1.19
C LEU A 448 33.34 25.64 0.39
N VAL A 449 34.11 24.65 0.83
CA VAL A 449 34.32 23.44 0.06
C VAL A 449 34.66 22.29 1.00
N GLY A 450 34.31 21.08 0.55
CA GLY A 450 34.64 19.87 1.28
C GLY A 450 33.98 18.68 0.61
N GLN A 451 34.68 17.54 0.64
CA GLN A 451 34.15 16.34 0.00
C GLN A 451 32.84 15.91 0.64
N SER A 452 32.77 15.97 1.97
CA SER A 452 31.51 15.86 2.70
C SER A 452 31.39 16.91 3.80
N GLY A 453 32.49 17.50 4.25
CA GLY A 453 32.45 18.61 5.16
C GLY A 453 32.07 18.25 6.59
N GLY A 454 30.99 17.49 6.74
CA GLY A 454 30.40 17.25 8.03
C GLY A 454 29.14 18.07 8.18
N GLY A 455 28.44 18.29 7.07
CA GLY A 455 27.26 19.13 7.06
C GLY A 455 27.52 20.53 6.55
N LYS A 456 28.19 20.65 5.40
CA LYS A 456 28.49 21.97 4.86
C LYS A 456 27.21 22.71 4.47
N THR A 457 26.21 21.98 3.96
CA THR A 457 24.98 22.63 3.54
C THR A 457 24.19 23.17 4.73
N THR A 458 24.09 22.39 5.81
CA THR A 458 23.34 22.86 6.97
C THR A 458 24.08 23.97 7.71
N VAL A 459 25.42 23.97 7.67
CA VAL A 459 26.17 25.10 8.18
C VAL A 459 25.94 26.33 7.32
N ALA A 460 25.84 26.13 6.00
CA ALA A 460 25.47 27.24 5.12
C ALA A 460 24.07 27.76 5.45
N SER A 461 23.22 26.91 6.01
CA SER A 461 21.93 27.32 6.55
C SER A 461 22.13 27.90 7.95
N LEU A 462 21.04 28.04 8.70
CA LEU A 462 20.97 28.49 10.09
C LEU A 462 21.03 30.01 10.20
N LEU A 463 21.22 30.74 9.11
CA LEU A 463 21.17 32.20 9.17
C LEU A 463 19.81 32.75 8.77
N GLU A 464 19.00 31.96 8.05
CA GLU A 464 17.64 32.34 7.71
C GLU A 464 16.64 31.96 8.78
N ARG A 465 17.12 31.68 10.00
CA ARG A 465 16.28 31.28 11.13
C ARG A 465 15.51 30.00 10.83
N PHE A 466 16.07 29.14 9.99
CA PHE A 466 15.47 27.83 9.77
C PHE A 466 15.48 27.00 11.06
N TYR A 467 16.60 27.03 11.79
CA TYR A 467 16.71 26.39 13.09
C TYR A 467 17.49 27.32 14.01
N ASP A 468 17.05 27.42 15.26
CA ASP A 468 17.74 28.25 16.22
C ASP A 468 19.07 27.60 16.62
N PRO A 469 20.12 28.39 16.82
CA PRO A 469 21.41 27.81 17.20
C PRO A 469 21.39 27.31 18.63
N THR A 470 22.05 26.16 18.84
CA THR A 470 22.11 25.59 20.18
C THR A 470 22.95 26.48 21.10
N ALA A 471 24.07 27.00 20.61
CA ALA A 471 24.93 27.87 21.39
C ALA A 471 25.60 28.87 20.45
N GLY A 472 26.37 29.78 21.03
CA GLY A 472 27.03 30.82 20.26
C GLY A 472 26.08 31.95 19.90
N VAL A 473 26.61 32.90 19.14
CA VAL A 473 25.83 34.07 18.72
C VAL A 473 26.07 34.31 17.23
N VAL A 474 25.11 34.97 16.61
CA VAL A 474 25.20 35.40 15.21
C VAL A 474 24.95 36.88 15.16
N MET A 475 25.86 37.62 14.51
CA MET A 475 25.78 39.07 14.44
C MET A 475 25.58 39.50 12.99
N LEU A 476 24.71 40.50 12.79
CA LEU A 476 24.43 41.03 11.47
C LEU A 476 24.24 42.53 11.57
N ASP A 477 25.14 43.29 10.95
CA ASP A 477 25.07 44.76 10.91
C ASP A 477 25.03 45.35 12.31
N GLY A 478 25.75 44.73 13.24
CA GLY A 478 25.80 45.21 14.60
C GLY A 478 24.58 44.92 15.44
N ARG A 479 23.65 44.11 14.94
CA ARG A 479 22.45 43.75 15.69
C ARG A 479 22.24 42.25 15.63
N ASP A 480 21.69 41.70 16.71
CA ASP A 480 21.40 40.28 16.76
C ASP A 480 20.21 39.95 15.86
N LEU A 481 20.26 38.76 15.25
CA LEU A 481 19.17 38.32 14.40
C LEU A 481 17.93 37.96 15.19
N ARG A 482 18.09 37.53 16.45
CA ARG A 482 16.94 37.18 17.26
C ARG A 482 16.02 38.37 17.49
N THR A 483 16.59 39.53 17.83
CA THR A 483 15.77 40.71 18.07
C THR A 483 15.20 41.25 16.77
N LEU A 484 15.91 41.07 15.65
CA LEU A 484 15.38 41.46 14.36
C LEU A 484 14.23 40.56 13.95
N ASP A 485 13.29 41.14 13.23
CA ASP A 485 12.12 40.39 12.76
C ASP A 485 12.54 39.40 11.69
N PRO A 486 12.24 38.11 11.83
CA PRO A 486 12.64 37.14 10.81
C PRO A 486 12.07 37.42 9.44
N SER A 487 10.85 37.97 9.38
CA SER A 487 10.24 38.27 8.08
C SER A 487 11.04 39.32 7.32
N TRP A 488 11.49 40.36 8.02
CA TRP A 488 12.27 41.41 7.37
C TRP A 488 13.58 40.85 6.81
N LEU A 489 14.27 40.02 7.60
CA LEU A 489 15.51 39.42 7.14
C LEU A 489 15.27 38.49 5.96
N ARG A 490 14.19 37.71 6.01
CA ARG A 490 13.88 36.80 4.91
C ARG A 490 13.57 37.56 3.62
N GLY A 491 12.79 38.63 3.71
CA GLY A 491 12.28 39.28 2.53
C GLY A 491 13.08 40.45 1.98
N GLN A 492 14.00 41.00 2.77
CA GLN A 492 14.73 42.18 2.32
C GLN A 492 16.23 42.10 2.57
N VAL A 493 16.76 40.94 2.97
CA VAL A 493 18.19 40.85 3.26
C VAL A 493 18.84 39.72 2.46
N VAL A 494 18.31 38.50 2.60
CA VAL A 494 18.99 37.30 2.16
C VAL A 494 18.26 36.71 0.96
N GLY A 495 19.00 36.44 -0.11
CA GLY A 495 18.50 35.68 -1.24
C GLY A 495 19.15 34.32 -1.28
N PHE A 496 18.39 33.32 -1.75
CA PHE A 496 18.80 31.93 -1.66
C PHE A 496 18.61 31.25 -3.02
N ILE A 497 19.65 30.59 -3.50
CA ILE A 497 19.61 29.76 -4.71
C ILE A 497 20.00 28.35 -4.32
N SER A 498 19.12 27.39 -4.61
CA SER A 498 19.37 25.99 -4.38
C SER A 498 19.89 25.32 -5.65
N GLN A 499 20.38 24.09 -5.50
CA GLN A 499 20.87 23.35 -6.64
C GLN A 499 19.73 22.80 -7.49
N GLU A 500 18.51 22.83 -6.97
CA GLU A 500 17.32 22.50 -7.75
C GLU A 500 16.36 23.69 -7.69
N PRO A 501 15.95 24.25 -8.82
CA PRO A 501 14.93 25.30 -8.80
C PRO A 501 13.54 24.70 -8.69
N VAL A 502 12.59 25.55 -8.29
CA VAL A 502 11.20 25.16 -8.11
C VAL A 502 10.33 26.01 -9.02
N LEU A 503 9.38 25.37 -9.69
CA LEU A 503 8.46 26.05 -10.58
C LEU A 503 7.03 25.71 -10.19
N PHE A 504 6.13 26.69 -10.33
CA PHE A 504 4.72 26.52 -10.01
C PHE A 504 3.91 26.66 -11.30
N GLY A 505 2.60 26.43 -11.17
CA GLY A 505 1.71 26.58 -12.30
C GLY A 505 1.45 28.01 -12.70
N THR A 506 1.82 28.98 -11.87
CA THR A 506 1.65 30.38 -12.21
C THR A 506 2.59 30.75 -13.36
N THR A 507 2.15 31.70 -14.18
CA THR A 507 2.92 32.11 -15.34
C THR A 507 4.23 32.77 -14.92
N ILE A 508 5.16 32.82 -15.88
CA ILE A 508 6.50 33.34 -15.60
C ILE A 508 6.45 34.80 -15.19
N MET A 509 5.56 35.58 -15.81
CA MET A 509 5.49 37.01 -15.51
C MET A 509 5.18 37.25 -14.04
N GLU A 510 4.23 36.49 -13.50
CA GLU A 510 3.91 36.59 -12.08
C GLU A 510 4.85 35.77 -11.21
N ASN A 511 5.41 34.68 -11.76
CA ASN A 511 6.33 33.86 -10.98
C ASN A 511 7.59 34.64 -10.63
N ILE A 512 8.08 35.47 -11.56
CA ILE A 512 9.20 36.36 -11.24
C ILE A 512 8.78 37.36 -10.18
N ARG A 513 7.56 37.86 -10.27
CA ARG A 513 7.03 38.77 -9.24
C ARG A 513 6.60 37.97 -8.02
N PHE A 514 7.55 37.27 -7.39
CA PHE A 514 7.27 36.39 -6.28
C PHE A 514 7.80 36.92 -4.95
N GLY A 515 8.86 37.72 -4.96
CA GLY A 515 9.35 38.32 -3.74
C GLY A 515 8.47 39.45 -3.25
N LYS A 516 7.95 40.27 -4.16
CA LYS A 516 6.98 41.30 -3.83
C LYS A 516 5.85 41.29 -4.85
N LEU A 517 4.61 41.31 -4.34
CA LEU A 517 3.44 41.37 -5.20
C LEU A 517 3.14 42.77 -5.70
N GLU A 518 3.84 43.78 -5.18
CA GLU A 518 3.73 45.15 -5.66
C GLU A 518 4.55 45.40 -6.91
N ALA A 519 5.06 44.34 -7.54
CA ALA A 519 5.94 44.49 -8.68
C ALA A 519 5.24 45.22 -9.82
N SER A 520 5.92 46.22 -10.39
CA SER A 520 5.38 46.98 -11.50
C SER A 520 5.65 46.22 -12.80
N ASP A 521 5.45 46.89 -13.94
CA ASP A 521 5.65 46.24 -15.23
C ASP A 521 7.13 46.17 -15.60
N GLU A 522 7.77 47.33 -15.77
CA GLU A 522 9.10 47.37 -16.38
C GLU A 522 10.17 46.75 -15.48
N GLU A 523 9.95 46.69 -14.16
CA GLU A 523 10.93 46.09 -13.28
C GLU A 523 11.11 44.60 -13.58
N VAL A 524 10.02 43.91 -13.92
CA VAL A 524 10.11 42.47 -14.21
C VAL A 524 10.94 42.24 -15.46
N TYR A 525 10.68 42.99 -16.53
CA TYR A 525 11.45 42.82 -17.75
C TYR A 525 12.91 43.22 -17.55
N THR A 526 13.16 44.28 -16.77
CA THR A 526 14.54 44.68 -16.50
C THR A 526 15.28 43.60 -15.74
N ALA A 527 14.64 42.99 -14.74
CA ALA A 527 15.28 41.92 -13.98
C ALA A 527 15.51 40.69 -14.86
N ALA A 528 14.54 40.36 -15.73
CA ALA A 528 14.72 39.22 -16.63
C ALA A 528 15.88 39.45 -17.58
N ARG A 529 16.02 40.68 -18.10
CA ARG A 529 17.14 41.00 -18.97
C ARG A 529 18.47 40.93 -18.22
N GLU A 530 18.49 41.41 -16.97
CA GLU A 530 19.71 41.37 -16.19
C GLU A 530 20.15 39.94 -15.89
N ALA A 531 19.20 39.06 -15.62
CA ALA A 531 19.52 37.67 -15.30
C ALA A 531 19.60 36.78 -16.53
N ASN A 532 19.56 37.36 -17.73
CA ASN A 532 19.64 36.62 -18.99
C ASN A 532 18.48 35.63 -19.12
N ALA A 533 17.26 36.18 -19.07
CA ALA A 533 16.05 35.41 -19.28
C ALA A 533 15.14 35.96 -20.35
N HIS A 534 15.22 37.26 -20.66
CA HIS A 534 14.38 37.83 -21.70
C HIS A 534 14.79 37.35 -23.08
N GLU A 535 16.06 36.99 -23.26
CA GLU A 535 16.54 36.60 -24.58
C GLU A 535 15.91 35.30 -25.05
N PHE A 536 15.91 34.27 -24.19
CA PHE A 536 15.40 32.97 -24.60
C PHE A 536 13.89 32.88 -24.48
N ILE A 537 13.27 33.71 -23.64
CA ILE A 537 11.82 33.66 -23.49
C ILE A 537 11.11 34.16 -24.73
N THR A 538 11.81 34.90 -25.60
CA THR A 538 11.20 35.37 -26.84
C THR A 538 10.84 34.20 -27.74
N SER A 539 11.67 33.17 -27.78
CA SER A 539 11.41 32.02 -28.64
C SER A 539 10.12 31.31 -28.25
N PHE A 540 9.73 31.38 -26.98
CA PHE A 540 8.49 30.74 -26.55
C PHE A 540 7.29 31.40 -27.22
N PRO A 541 6.30 30.62 -27.65
CA PRO A 541 5.16 31.23 -28.36
C PRO A 541 4.29 32.10 -27.47
N GLU A 542 3.88 31.59 -26.30
CA GLU A 542 3.08 32.40 -25.38
C GLU A 542 3.94 33.44 -24.67
N GLY A 543 5.11 33.03 -24.15
CA GLY A 543 6.02 33.96 -23.53
C GLY A 543 5.77 34.17 -22.05
N TYR A 544 5.39 35.38 -21.67
CA TYR A 544 5.14 35.72 -20.27
C TYR A 544 3.78 35.25 -19.79
N ASN A 545 3.01 34.58 -20.64
CA ASN A 545 1.73 34.00 -20.25
C ASN A 545 1.79 32.47 -20.25
N THR A 546 2.98 31.89 -20.16
CA THR A 546 3.13 30.45 -20.16
C THR A 546 3.16 29.93 -18.72
N VAL A 547 2.36 28.91 -18.45
CA VAL A 547 2.32 28.30 -17.12
C VAL A 547 3.63 27.59 -16.82
N GLY A 549 5.58 25.08 -16.04
CA GLY A 549 5.09 24.30 -14.93
C GLY A 549 5.06 22.81 -15.21
N GLU A 550 4.65 22.03 -14.20
CA GLU A 550 4.57 20.58 -14.37
C GLU A 550 3.55 20.20 -15.44
N ARG A 551 2.39 20.86 -15.43
CA ARG A 551 1.35 20.62 -16.42
C ARG A 551 1.49 21.50 -17.65
N GLY A 552 2.44 22.45 -17.64
CA GLY A 552 2.65 23.34 -18.74
C GLY A 552 3.87 22.99 -19.56
N THR A 553 4.37 23.97 -20.31
CA THR A 553 5.54 23.76 -21.15
C THR A 553 6.77 23.52 -20.28
N THR A 554 7.58 22.54 -20.68
CA THR A 554 8.77 22.17 -19.93
C THR A 554 9.95 23.03 -20.37
N LEU A 555 10.70 23.53 -19.38
CA LEU A 555 11.87 24.37 -19.62
C LEU A 555 13.14 23.58 -19.33
N SER A 556 14.21 23.99 -19.99
CA SER A 556 15.50 23.33 -19.81
C SER A 556 16.08 23.64 -18.43
N GLY A 557 17.07 22.82 -18.05
CA GLY A 557 17.71 23.02 -16.76
C GLY A 557 18.41 24.37 -16.66
N GLY A 558 19.12 24.76 -17.71
CA GLY A 558 19.72 26.09 -17.72
C GLY A 558 18.67 27.19 -17.70
N GLN A 559 17.56 26.99 -18.42
CA GLN A 559 16.46 27.94 -18.37
C GLN A 559 15.87 28.02 -16.97
N LYS A 560 15.75 26.88 -16.30
CA LYS A 560 15.24 26.88 -14.93
C LYS A 560 16.19 27.62 -13.99
N GLN A 561 17.50 27.43 -14.16
CA GLN A 561 18.47 28.19 -13.37
C GLN A 561 18.34 29.68 -13.63
N ARG A 562 18.18 30.07 -14.89
CA ARG A 562 18.00 31.48 -15.22
C ARG A 562 16.73 32.03 -14.57
N LEU A 563 15.65 31.26 -14.45
CA LEU A 563 14.46 31.88 -13.79
C LEU A 563 14.77 32.29 -12.34
N ALA A 564 15.49 31.41 -11.63
CA ALA A 564 15.82 31.61 -10.19
C ALA A 564 16.66 32.88 -9.98
N ILE A 565 17.63 33.16 -10.87
CA ILE A 565 18.51 34.36 -10.69
C ILE A 565 17.65 35.64 -10.71
N ALA A 566 16.72 35.74 -11.67
CA ALA A 566 15.85 36.94 -11.78
C ALA A 566 14.97 37.04 -10.52
N ARG A 567 14.45 35.89 -10.08
CA ARG A 567 13.59 35.93 -8.87
C ARG A 567 14.40 36.48 -7.68
N ALA A 568 15.64 36.00 -7.52
CA ALA A 568 16.52 36.43 -6.41
C ALA A 568 16.84 37.91 -6.52
N LEU A 569 17.08 38.38 -7.75
CA LEU A 569 17.45 39.80 -8.07
C LEU A 569 16.28 40.78 -7.89
N ILE A 570 15.03 40.30 -7.77
CA ILE A 570 13.89 41.27 -7.64
C ILE A 570 14.04 42.18 -6.41
N LYS A 571 14.43 41.65 -5.25
CA LYS A 571 14.58 42.34 -3.98
C LYS A 571 15.93 43.02 -3.82
N GLN A 572 16.90 42.73 -4.70
CA GLN A 572 18.28 43.21 -4.59
C GLN A 572 18.83 42.88 -3.20
N PRO A 573 18.95 41.60 -2.85
CA PRO A 573 19.36 41.26 -1.49
C PRO A 573 20.77 41.72 -1.18
N THR A 574 20.98 42.14 0.07
CA THR A 574 22.31 42.53 0.51
C THR A 574 23.21 41.32 0.71
N VAL A 575 22.63 40.16 1.06
CA VAL A 575 23.36 38.92 1.26
C VAL A 575 22.79 37.88 0.31
N LEU A 576 23.68 37.18 -0.40
CA LEU A 576 23.29 36.16 -1.36
C LEU A 576 23.87 34.83 -0.95
N ILE A 577 23.15 33.75 -1.23
CA ILE A 577 23.61 32.39 -0.97
C ILE A 577 23.39 31.56 -2.23
N LEU A 578 24.42 30.84 -2.66
CA LEU A 578 24.35 29.96 -3.81
C LEU A 578 24.77 28.57 -3.38
N ASP A 579 23.96 27.56 -3.72
CA ASP A 579 24.26 26.17 -3.38
C ASP A 579 24.38 25.38 -4.69
N GLU A 580 25.62 25.14 -5.11
CA GLU A 580 25.92 24.32 -6.28
C GLU A 580 25.21 24.86 -7.53
N ALA A 581 25.58 26.08 -7.90
CA ALA A 581 25.06 26.66 -9.15
C ALA A 581 25.52 25.84 -10.35
N THR A 582 26.75 25.35 -10.33
CA THR A 582 27.30 24.51 -11.39
C THR A 582 26.82 23.07 -11.21
N SER A 583 25.51 22.89 -11.42
CA SER A 583 24.87 21.59 -11.25
C SER A 583 25.16 20.72 -12.47
N ALA A 584 24.48 19.58 -12.57
CA ALA A 584 24.71 18.64 -13.66
C ALA A 584 24.16 19.18 -14.97
N LEU A 585 25.00 19.83 -15.76
CA LEU A 585 24.60 20.39 -17.05
C LEU A 585 25.85 20.68 -17.85
N ASP A 586 25.64 21.14 -19.09
CA ASP A 586 26.72 21.27 -20.06
C ASP A 586 27.68 22.39 -19.65
N ALA A 587 28.69 22.62 -20.49
CA ALA A 587 29.73 23.61 -20.19
C ALA A 587 29.35 25.02 -20.64
N GLU A 588 28.73 25.16 -21.81
CA GLU A 588 28.40 26.48 -22.33
C GLU A 588 27.38 27.18 -21.42
N SER A 589 26.30 26.49 -21.07
CA SER A 589 25.30 27.09 -20.21
C SER A 589 25.86 27.32 -18.81
N GLU A 590 26.74 26.45 -18.34
CA GLU A 590 27.38 26.67 -17.04
C GLU A 590 28.21 27.95 -17.06
N ARG A 591 28.97 28.17 -18.14
CA ARG A 591 29.73 29.41 -18.26
C ARG A 591 28.81 30.62 -18.33
N VAL A 592 27.70 30.50 -19.06
CA VAL A 592 26.77 31.61 -19.19
C VAL A 592 26.17 31.97 -17.83
N VAL A 593 25.73 30.97 -17.08
CA VAL A 593 25.11 31.26 -15.79
C VAL A 593 26.15 31.74 -14.78
N GLN A 594 27.39 31.25 -14.87
CA GLN A 594 28.45 31.76 -14.00
C GLN A 594 28.72 33.23 -14.30
N GLU A 595 28.77 33.61 -15.58
CA GLU A 595 28.95 35.01 -15.94
C GLU A 595 27.78 35.85 -15.46
N ALA A 596 26.56 35.31 -15.57
CA ALA A 596 25.37 36.03 -15.10
C ALA A 596 25.45 36.27 -13.59
N LEU A 597 25.88 35.26 -12.83
CA LEU A 597 26.06 35.43 -11.40
C LEU A 597 27.15 36.46 -11.11
N ASP A 598 28.23 36.44 -11.89
CA ASP A 598 29.31 37.39 -11.68
C ASP A 598 28.85 38.83 -11.88
N ARG A 599 28.07 39.07 -12.94
CA ARG A 599 27.58 40.43 -13.17
C ARG A 599 26.39 40.74 -12.27
N ALA A 600 25.83 39.73 -11.60
CA ALA A 600 24.78 39.95 -10.62
C ALA A 600 25.35 40.12 -9.21
N SER A 601 26.37 39.35 -8.85
CA SER A 601 26.98 39.42 -7.53
C SER A 601 28.08 40.49 -7.54
N ALA A 602 27.63 41.75 -7.54
CA ALA A 602 28.53 42.90 -7.51
C ALA A 602 28.04 43.86 -6.44
N GLY A 603 28.94 44.21 -5.52
CA GLY A 603 28.60 45.14 -4.45
C GLY A 603 27.84 44.53 -3.29
N ARG A 604 27.62 43.22 -3.31
CA ARG A 604 26.88 42.53 -2.27
C ARG A 604 27.70 41.34 -1.77
N THR A 605 27.57 41.04 -0.48
CA THR A 605 28.24 39.87 0.07
C THR A 605 27.49 38.60 -0.34
N VAL A 606 28.20 37.66 -0.96
CA VAL A 606 27.61 36.42 -1.43
C VAL A 606 28.47 35.25 -0.96
N LEU A 607 27.81 34.19 -0.50
CA LEU A 607 28.46 32.96 -0.09
C LEU A 607 28.04 31.86 -1.04
N VAL A 608 29.02 31.14 -1.59
CA VAL A 608 28.79 30.11 -2.60
C VAL A 608 29.35 28.79 -2.08
N ILE A 609 28.62 27.71 -2.32
CA ILE A 609 29.06 26.36 -2.01
C ILE A 609 29.25 25.62 -3.32
N ALA A 610 30.47 25.12 -3.55
CA ALA A 610 30.79 24.42 -4.78
C ALA A 610 31.52 23.12 -4.46
N HIS A 611 31.29 22.11 -5.29
CA HIS A 611 31.95 20.82 -5.15
C HIS A 611 33.18 20.69 -6.03
N ARG A 612 33.13 21.21 -7.25
CA ARG A 612 34.27 21.21 -8.15
C ARG A 612 35.18 22.38 -7.83
N LEU A 613 36.47 22.09 -7.64
CA LEU A 613 37.42 23.13 -7.23
C LEU A 613 37.77 24.08 -8.37
N SER A 614 37.42 23.74 -9.61
CA SER A 614 37.74 24.60 -10.75
C SER A 614 36.91 25.87 -10.81
N THR A 615 35.79 25.93 -10.09
CA THR A 615 34.92 27.09 -10.09
C THR A 615 35.12 27.98 -8.88
N VAL A 616 36.15 27.74 -8.08
CA VAL A 616 36.37 28.49 -6.85
C VAL A 616 37.64 29.34 -6.89
N ARG A 617 38.61 29.02 -7.76
CA ARG A 617 39.87 29.73 -7.78
C ARG A 617 39.71 31.22 -8.06
N GLY A 618 38.60 31.64 -8.66
CA GLY A 618 38.34 33.04 -8.89
C GLY A 618 37.76 33.80 -7.73
N ALA A 619 37.51 33.13 -6.60
CA ALA A 619 36.91 33.78 -5.45
C ALA A 619 37.99 34.53 -4.65
N HIS A 620 37.54 35.20 -3.59
CA HIS A 620 38.46 35.98 -2.74
C HIS A 620 39.12 35.09 -1.69
N CYS A 621 38.32 34.44 -0.85
CA CYS A 621 38.82 33.61 0.22
C CYS A 621 38.15 32.25 0.17
N ILE A 622 38.86 31.24 0.67
CA ILE A 622 38.41 29.85 0.64
C ILE A 622 38.48 29.31 2.07
N VAL A 623 37.43 28.59 2.46
CA VAL A 623 37.36 27.94 3.76
C VAL A 623 37.28 26.44 3.52
N VAL A 624 38.27 25.71 4.00
CA VAL A 624 38.30 24.25 3.88
C VAL A 624 37.70 23.64 5.14
N MET A 625 36.68 22.81 4.96
CA MET A 625 35.92 22.18 6.03
C MET A 625 36.27 20.71 6.12
N ALA A 626 36.39 20.20 7.35
CA ALA A 626 36.60 18.78 7.58
C ALA A 626 36.30 18.46 9.04
N ASP A 627 35.42 17.47 9.25
CA ASP A 627 35.11 16.93 10.57
C ASP A 627 34.53 18.00 11.51
N GLY A 628 33.39 18.55 11.11
CA GLY A 628 32.59 19.38 11.99
C GLY A 628 33.18 20.75 12.28
N ARG A 629 34.37 20.78 12.87
CA ARG A 629 35.03 22.04 13.16
C ARG A 629 35.66 22.61 11.90
N VAL A 630 35.94 23.91 11.94
CA VAL A 630 36.60 24.56 10.81
C VAL A 630 38.03 24.04 10.70
N TRP A 631 38.42 23.64 9.50
CA TRP A 631 39.76 23.10 9.28
C TRP A 631 40.75 24.18 8.86
N GLU A 632 40.38 25.00 7.88
CA GLU A 632 41.28 26.05 7.42
C GLU A 632 40.47 27.16 6.78
N ALA A 633 41.04 28.37 6.75
CA ALA A 633 40.44 29.49 6.04
C ALA A 633 41.53 30.47 5.64
N GLY A 634 41.43 30.98 4.42
CA GLY A 634 42.40 31.96 3.97
C GLY A 634 42.38 32.11 2.46
N THR A 635 43.40 32.81 1.97
CA THR A 635 43.52 33.08 0.55
C THR A 635 44.02 31.86 -0.21
N HIS A 636 43.65 31.79 -1.49
CA HIS A 636 44.04 30.65 -2.32
C HIS A 636 45.55 30.58 -2.53
N GLU A 637 46.18 31.73 -2.79
CA GLU A 637 47.62 31.72 -3.08
C GLU A 637 48.43 31.30 -1.87
N GLU A 638 47.95 31.61 -0.66
CA GLU A 638 48.59 31.12 0.55
C GLU A 638 48.14 29.72 0.92
N LEU A 639 46.93 29.33 0.51
CA LEU A 639 46.47 27.96 0.75
C LEU A 639 47.29 26.95 -0.04
N LEU A 640 47.72 27.31 -1.25
CA LEU A 640 48.59 26.42 -2.01
C LEU A 640 49.91 26.19 -1.28
N LYS A 641 50.49 27.25 -0.71
CA LYS A 641 51.73 27.11 0.03
C LYS A 641 51.54 26.42 1.37
N LYS A 642 50.32 26.49 1.95
CA LYS A 642 50.08 25.84 3.23
C LYS A 642 50.24 24.34 3.14
N GLY A 643 49.71 23.73 2.07
CA GLY A 643 49.85 22.29 1.90
C GLY A 643 49.03 21.45 2.84
N GLY A 644 47.93 22.00 3.38
CA GLY A 644 47.09 21.26 4.29
C GLY A 644 46.16 20.28 3.60
N LEU A 645 44.95 20.13 4.12
CA LEU A 645 43.98 19.22 3.50
C LEU A 645 43.57 19.71 2.12
N TYR A 646 43.69 21.01 1.85
CA TYR A 646 43.37 21.52 0.53
C TYR A 646 44.28 20.95 -0.53
N ALA A 647 45.56 20.74 -0.20
CA ALA A 647 46.49 20.14 -1.15
C ALA A 647 46.05 18.73 -1.51
N GLU A 648 45.66 17.93 -0.51
CA GLU A 648 45.18 16.58 -0.78
C GLU A 648 43.90 16.62 -1.60
N LEU A 649 42.99 17.54 -1.28
CA LEU A 649 41.73 17.63 -2.02
C LEU A 649 41.98 18.00 -3.49
N ILE A 650 42.86 18.96 -3.75
CA ILE A 650 43.12 19.37 -5.13
C ILE A 650 43.91 18.29 -5.87
N ARG A 651 44.77 17.55 -5.17
CA ARG A 651 45.45 16.44 -5.81
C ARG A 651 44.48 15.34 -6.21
N ARG A 652 43.51 15.04 -5.32
CA ARG A 652 42.49 14.04 -5.65
C ARG A 652 41.62 14.52 -6.80
N GLN A 653 41.24 15.80 -6.81
CA GLN A 653 40.41 16.32 -7.88
C GLN A 653 41.14 16.32 -9.21
N ALA A 654 42.43 16.67 -9.20
CA ALA A 654 43.21 16.72 -10.42
C ALA A 654 43.49 15.31 -10.94
N PHE B 75 -2.95 -25.33 -20.16
CA PHE B 75 -2.40 -24.15 -19.52
C PHE B 75 -3.41 -23.52 -18.56
N ASN B 76 -4.16 -22.53 -19.07
CA ASN B 76 -5.16 -21.87 -18.24
C ASN B 76 -6.27 -22.83 -17.83
N TRP B 77 -6.60 -23.79 -18.69
CA TRP B 77 -7.63 -24.77 -18.42
C TRP B 77 -7.14 -26.21 -18.50
N LYS B 78 -6.29 -26.53 -19.47
CA LYS B 78 -5.85 -27.92 -19.65
C LYS B 78 -5.07 -28.41 -18.44
N LEU B 79 -4.14 -27.59 -17.95
CA LEU B 79 -3.38 -27.98 -16.77
C LEU B 79 -4.27 -28.10 -15.54
N PHE B 80 -5.22 -27.16 -15.38
CA PHE B 80 -6.15 -27.22 -14.27
C PHE B 80 -7.00 -28.48 -14.32
N TRP B 81 -7.51 -28.83 -15.51
CA TRP B 81 -8.29 -30.05 -15.64
C TRP B 81 -7.46 -31.28 -15.34
N GLN B 82 -6.23 -31.32 -15.84
CA GLN B 82 -5.37 -32.47 -15.61
C GLN B 82 -5.06 -32.65 -14.13
N PHE B 83 -4.82 -31.54 -13.42
CA PHE B 83 -4.48 -31.61 -12.01
C PHE B 83 -5.72 -31.74 -11.12
N LEU B 84 -6.91 -31.49 -11.64
CA LEU B 84 -8.15 -31.69 -10.89
C LEU B 84 -8.78 -33.05 -11.17
N HIS B 85 -8.33 -33.76 -12.21
CA HIS B 85 -8.90 -35.06 -12.58
C HIS B 85 -9.05 -36.04 -11.42
N PRO B 86 -8.05 -36.23 -10.54
CA PRO B 86 -8.16 -37.34 -9.57
C PRO B 86 -9.14 -37.11 -8.43
N HIS B 87 -10.02 -36.10 -8.54
CA HIS B 87 -11.01 -35.84 -7.51
C HIS B 87 -12.43 -35.78 -8.09
N LEU B 88 -12.64 -36.39 -9.26
CA LEU B 88 -13.92 -36.28 -9.95
C LEU B 88 -15.04 -36.95 -9.17
N LEU B 89 -14.77 -38.11 -8.58
CA LEU B 89 -15.81 -38.83 -7.85
C LEU B 89 -16.28 -38.02 -6.64
N VAL B 90 -15.35 -37.45 -5.89
CA VAL B 90 -15.72 -36.66 -4.73
C VAL B 90 -16.44 -35.39 -5.17
N LEU B 91 -16.01 -34.79 -6.29
CA LEU B 91 -16.71 -33.62 -6.81
C LEU B 91 -18.16 -33.96 -7.18
N GLY B 92 -18.37 -35.12 -7.80
CA GLY B 92 -19.73 -35.53 -8.15
C GLY B 92 -20.59 -35.79 -6.93
N VAL B 93 -20.02 -36.44 -5.91
CA VAL B 93 -20.76 -36.66 -4.67
C VAL B 93 -21.15 -35.32 -4.05
N ALA B 94 -20.22 -34.36 -4.05
CA ALA B 94 -20.54 -33.03 -3.56
C ALA B 94 -21.66 -32.39 -4.38
N VAL B 95 -21.63 -32.55 -5.70
CA VAL B 95 -22.67 -31.98 -6.54
C VAL B 95 -24.03 -32.57 -6.17
N VAL B 96 -24.07 -33.87 -5.93
CA VAL B 96 -25.33 -34.52 -5.53
C VAL B 96 -25.82 -33.97 -4.19
N LEU B 97 -24.90 -33.81 -3.23
CA LEU B 97 -25.29 -33.26 -1.93
C LEU B 97 -25.82 -31.83 -2.07
N ALA B 98 -25.17 -31.03 -2.93
CA ALA B 98 -25.64 -29.67 -3.16
C ALA B 98 -27.03 -29.67 -3.78
N LEU B 99 -27.29 -30.58 -4.73
CA LEU B 99 -28.62 -30.68 -5.32
C LEU B 99 -29.67 -31.00 -4.26
N GLY B 100 -29.36 -31.95 -3.37
CA GLY B 100 -30.31 -32.27 -2.31
C GLY B 100 -30.55 -31.11 -1.36
N ALA B 101 -29.48 -30.41 -0.96
CA ALA B 101 -29.63 -29.27 -0.07
C ALA B 101 -30.46 -28.16 -0.72
N ALA B 102 -30.20 -27.89 -2.00
CA ALA B 102 -30.97 -26.88 -2.71
C ALA B 102 -32.44 -27.28 -2.82
N LEU B 103 -32.70 -28.57 -3.08
CA LEU B 103 -34.08 -29.02 -3.18
C LEU B 103 -34.83 -28.83 -1.87
N VAL B 104 -34.21 -29.20 -0.75
CA VAL B 104 -34.91 -29.05 0.53
C VAL B 104 -35.06 -27.57 0.88
N ASN B 105 -34.05 -26.75 0.57
CA ASN B 105 -34.17 -25.31 0.80
C ASN B 105 -35.27 -24.70 -0.06
N VAL B 106 -35.51 -25.25 -1.24
CA VAL B 106 -36.64 -24.81 -2.06
C VAL B 106 -37.95 -25.25 -1.43
N GLN B 107 -37.98 -26.46 -0.87
CA GLN B 107 -39.23 -26.98 -0.31
C GLN B 107 -39.66 -26.22 0.94
N ILE B 108 -38.71 -25.72 1.73
CA ILE B 108 -39.03 -25.09 3.02
C ILE B 108 -39.98 -23.90 2.91
N PRO B 109 -39.70 -22.87 2.08
CA PRO B 109 -40.51 -21.64 2.14
C PRO B 109 -41.98 -21.85 1.83
N LEU B 110 -42.31 -22.72 0.88
CA LEU B 110 -43.72 -22.99 0.58
C LEU B 110 -44.43 -23.60 1.78
N LEU B 111 -43.75 -24.53 2.46
CA LEU B 111 -44.32 -25.14 3.65
C LEU B 111 -44.53 -24.10 4.75
N LEU B 112 -43.56 -23.21 4.93
CA LEU B 112 -43.70 -22.15 5.93
C LEU B 112 -44.86 -21.23 5.58
N GLY B 113 -45.02 -20.88 4.31
CA GLY B 113 -46.13 -20.05 3.90
C GLY B 113 -47.47 -20.72 4.13
N GLN B 114 -47.56 -22.02 3.82
CA GLN B 114 -48.80 -22.73 4.09
C GLN B 114 -49.11 -22.77 5.58
N LEU B 115 -48.07 -22.99 6.41
CA LEU B 115 -48.28 -23.03 7.85
C LEU B 115 -48.78 -21.69 8.39
N VAL B 116 -48.14 -20.60 7.97
CA VAL B 116 -48.55 -19.29 8.47
C VAL B 116 -49.95 -18.94 7.95
N GLU B 117 -50.26 -19.35 6.72
CA GLU B 117 -51.59 -19.07 6.18
C GLU B 117 -52.66 -19.83 6.95
N VAL B 118 -52.44 -21.11 7.25
CA VAL B 118 -53.45 -21.86 7.99
C VAL B 118 -53.56 -21.35 9.42
N VAL B 119 -52.45 -20.90 10.02
CA VAL B 119 -52.53 -20.29 11.34
C VAL B 119 -53.37 -19.03 11.30
N ALA B 120 -53.16 -18.19 10.29
CA ALA B 120 -53.94 -16.96 10.17
C ALA B 120 -55.42 -17.26 9.95
N LYS B 121 -55.72 -18.27 9.12
CA LYS B 121 -57.12 -18.64 8.89
C LYS B 121 -57.77 -19.18 10.16
N TYR B 122 -57.04 -19.98 10.93
CA TYR B 122 -57.57 -20.46 12.21
C TYR B 122 -57.83 -19.31 13.16
N THR B 123 -56.93 -18.32 13.19
CA THR B 123 -57.15 -17.15 14.03
C THR B 123 -58.37 -16.35 13.56
N ARG B 124 -58.58 -16.26 12.25
CA ARG B 124 -59.70 -15.48 11.72
C ARG B 124 -61.04 -16.06 12.17
N ASP B 125 -61.17 -17.38 12.15
CA ASP B 125 -62.42 -18.03 12.54
C ASP B 125 -62.65 -17.92 14.05
N MET B 131 -55.48 -25.07 15.62
CA MET B 131 -54.12 -25.59 15.56
C MET B 131 -54.13 -27.12 15.44
N THR B 132 -55.27 -27.67 15.03
CA THR B 132 -55.39 -29.12 14.91
C THR B 132 -54.47 -29.66 13.83
N GLU B 133 -54.40 -28.99 12.68
CA GLU B 133 -53.60 -29.46 11.55
C GLU B 133 -52.20 -28.86 11.51
N SER B 134 -51.88 -27.94 12.42
CA SER B 134 -50.58 -27.28 12.38
C SER B 134 -49.44 -28.18 12.86
N GLN B 135 -49.73 -29.10 13.79
CA GLN B 135 -48.68 -29.92 14.38
C GLN B 135 -48.01 -30.82 13.35
N ASN B 136 -48.81 -31.45 12.48
CA ASN B 136 -48.25 -32.33 11.47
C ASN B 136 -47.36 -31.57 10.51
N LEU B 137 -47.80 -30.40 10.07
CA LEU B 137 -47.00 -29.58 9.16
C LEU B 137 -45.71 -29.12 9.84
N SER B 138 -45.80 -28.75 11.12
CA SER B 138 -44.60 -28.35 11.85
C SER B 138 -43.60 -29.50 11.96
N THR B 139 -44.10 -30.72 12.25
CA THR B 139 -43.21 -31.87 12.34
C THR B 139 -42.56 -32.17 10.99
N HIS B 140 -43.34 -32.07 9.91
CA HIS B 140 -42.79 -32.27 8.57
C HIS B 140 -41.69 -31.25 8.28
N LEU B 141 -41.93 -29.98 8.65
CA LEU B 141 -40.92 -28.95 8.46
C LEU B 141 -39.66 -29.26 9.26
N LEU B 142 -39.82 -29.71 10.51
CA LEU B 142 -38.67 -30.03 11.33
C LEU B 142 -37.86 -31.18 10.73
N ILE B 143 -38.55 -32.20 10.22
CA ILE B 143 -37.83 -33.33 9.62
C ILE B 143 -37.06 -32.88 8.38
N LEU B 144 -37.74 -32.15 7.48
CA LEU B 144 -37.07 -31.67 6.28
C LEU B 144 -35.89 -30.78 6.64
N TYR B 145 -36.02 -30.00 7.71
CA TYR B 145 -34.97 -29.04 8.05
C TYR B 145 -33.77 -29.73 8.69
N GLY B 146 -34.01 -30.77 9.48
CA GLY B 146 -32.90 -31.60 9.94
C GLY B 146 -32.16 -32.26 8.78
N VAL B 147 -32.92 -32.76 7.81
CA VAL B 147 -32.30 -33.30 6.60
C VAL B 147 -31.45 -32.24 5.91
N GLN B 148 -31.98 -31.01 5.82
CA GLN B 148 -31.24 -29.90 5.23
C GLN B 148 -29.93 -29.64 5.95
N GLY B 149 -29.97 -29.63 7.29
CA GLY B 149 -28.75 -29.40 8.04
C GLY B 149 -27.71 -30.47 7.79
N LEU B 150 -28.12 -31.74 7.80
CA LEU B 150 -27.18 -32.83 7.53
C LEU B 150 -26.59 -32.70 6.13
N LEU B 151 -27.44 -32.39 5.14
CA LEU B 151 -26.96 -32.28 3.77
C LEU B 151 -25.96 -31.15 3.59
N THR B 152 -26.26 -29.98 4.17
CA THR B 152 -25.33 -28.85 4.02
C THR B 152 -24.01 -29.14 4.74
N PHE B 153 -24.07 -29.77 5.92
CA PHE B 153 -22.85 -30.14 6.62
C PHE B 153 -21.98 -31.04 5.73
N GLY B 154 -22.57 -32.11 5.20
CA GLY B 154 -21.80 -33.03 4.37
C GLY B 154 -21.25 -32.36 3.13
N TYR B 155 -22.09 -31.59 2.44
CA TYR B 155 -21.62 -30.85 1.27
C TYR B 155 -20.40 -30.00 1.57
N LEU B 156 -20.50 -29.10 2.55
CA LEU B 156 -19.43 -28.12 2.65
C LEU B 156 -18.20 -28.69 3.35
N VAL B 157 -18.36 -29.79 4.10
CA VAL B 157 -17.14 -30.45 4.58
C VAL B 157 -16.41 -31.13 3.43
N LEU B 158 -17.15 -31.78 2.51
CA LEU B 158 -16.50 -32.36 1.34
C LEU B 158 -15.85 -31.28 0.48
N LEU B 159 -16.55 -30.15 0.32
CA LEU B 159 -16.00 -29.04 -0.46
C LEU B 159 -14.73 -28.49 0.16
N SER B 160 -14.72 -28.33 1.48
CA SER B 160 -13.51 -27.87 2.16
C SER B 160 -12.36 -28.85 1.95
N HIS B 161 -12.63 -30.15 2.07
CA HIS B 161 -11.59 -31.14 1.85
C HIS B 161 -11.01 -31.04 0.44
N VAL B 162 -11.88 -30.97 -0.57
CA VAL B 162 -11.41 -30.94 -1.95
C VAL B 162 -10.60 -29.67 -2.22
N GLY B 163 -11.13 -28.52 -1.82
CA GLY B 163 -10.43 -27.27 -2.06
C GLY B 163 -9.10 -27.21 -1.35
N GLU B 164 -9.04 -27.71 -0.12
CA GLU B 164 -7.80 -27.68 0.64
C GLU B 164 -6.75 -28.58 0.01
N ARG B 165 -7.16 -29.78 -0.41
CA ARG B 165 -6.23 -30.68 -1.10
C ARG B 165 -5.69 -30.03 -2.38
N MET B 166 -6.58 -29.42 -3.15
CA MET B 166 -6.16 -28.76 -4.39
C MET B 166 -5.17 -27.64 -4.10
N ALA B 167 -5.45 -26.85 -3.06
CA ALA B 167 -4.56 -25.74 -2.73
C ALA B 167 -3.16 -26.24 -2.34
N VAL B 168 -3.10 -27.27 -1.50
CA VAL B 168 -1.79 -27.79 -1.09
C VAL B 168 -1.03 -28.35 -2.28
N ASP B 169 -1.71 -29.13 -3.13
CA ASP B 169 -1.04 -29.70 -4.29
C ASP B 169 -0.53 -28.60 -5.21
N MET B 170 -1.34 -27.56 -5.43
CA MET B 170 -0.92 -26.46 -6.30
C MET B 170 0.26 -25.71 -5.72
N ARG B 171 0.24 -25.46 -4.41
CA ARG B 171 1.36 -24.76 -3.79
C ARG B 171 2.66 -25.55 -3.94
N ARG B 172 2.60 -26.86 -3.67
CA ARG B 172 3.80 -27.69 -3.79
C ARG B 172 4.31 -27.71 -5.22
N ALA B 173 3.41 -27.91 -6.19
CA ALA B 173 3.82 -27.97 -7.58
C ALA B 173 4.41 -26.64 -8.05
N LEU B 174 3.78 -25.53 -7.66
CA LEU B 174 4.27 -24.22 -8.07
C LEU B 174 5.65 -23.95 -7.48
N PHE B 175 5.86 -24.28 -6.21
CA PHE B 175 7.18 -24.09 -5.62
C PHE B 175 8.23 -24.94 -6.34
N SER B 176 7.90 -26.21 -6.59
CA SER B 176 8.87 -27.10 -7.23
C SER B 176 9.22 -26.61 -8.63
N SER B 177 8.23 -26.15 -9.38
CA SER B 177 8.49 -25.67 -10.74
C SER B 177 9.23 -24.34 -10.75
N LEU B 178 8.91 -23.44 -9.81
CA LEU B 178 9.55 -22.13 -9.79
C LEU B 178 10.99 -22.22 -9.31
N LEU B 179 11.31 -23.20 -8.46
CA LEU B 179 12.66 -23.29 -7.93
C LEU B 179 13.69 -23.63 -9.00
N ARG B 180 13.26 -24.07 -10.19
CA ARG B 180 14.20 -24.46 -11.24
C ARG B 180 14.71 -23.29 -12.05
N GLN B 181 14.13 -22.10 -11.91
CA GLN B 181 14.45 -20.98 -12.77
C GLN B 181 15.82 -20.41 -12.45
N ASP B 182 16.38 -19.69 -13.43
CA ASP B 182 17.70 -19.10 -13.27
C ASP B 182 17.60 -17.74 -12.58
N ILE B 183 18.71 -17.01 -12.53
CA ILE B 183 18.77 -15.76 -11.78
C ILE B 183 18.09 -14.61 -12.51
N THR B 184 17.92 -14.71 -13.83
CA THR B 184 17.28 -13.63 -14.57
C THR B 184 15.86 -13.39 -14.09
N PHE B 185 15.10 -14.46 -13.87
CA PHE B 185 13.75 -14.32 -13.33
C PHE B 185 13.77 -13.69 -11.94
N PHE B 186 14.73 -14.09 -11.11
CA PHE B 186 14.76 -13.63 -9.72
C PHE B 186 15.10 -12.15 -9.64
N ASP B 187 16.12 -11.70 -10.37
CA ASP B 187 16.51 -10.30 -10.28
C ASP B 187 15.67 -9.40 -11.19
N ALA B 188 14.95 -9.97 -12.14
CA ALA B 188 14.02 -9.16 -12.93
C ALA B 188 12.81 -8.76 -12.10
N ASN B 189 12.28 -9.68 -11.30
CA ASN B 189 11.12 -9.44 -10.46
C ASN B 189 11.55 -9.23 -9.02
N LYS B 190 10.59 -9.17 -8.11
CA LYS B 190 10.84 -8.99 -6.69
C LYS B 190 10.43 -10.24 -5.92
N THR B 191 11.18 -10.54 -4.85
CA THR B 191 10.89 -11.72 -4.05
C THR B 191 9.58 -11.58 -3.29
N GLY B 192 9.27 -10.38 -2.79
CA GLY B 192 8.06 -10.21 -2.00
C GLY B 192 6.79 -10.50 -2.79
N GLN B 193 6.71 -9.97 -4.01
CA GLN B 193 5.55 -10.24 -4.85
C GLN B 193 5.47 -11.71 -5.24
N LEU B 194 6.62 -12.35 -5.47
CA LEU B 194 6.62 -13.78 -5.77
C LEU B 194 6.06 -14.58 -4.60
N VAL B 195 6.49 -14.27 -3.38
CA VAL B 195 5.99 -14.98 -2.21
C VAL B 195 4.51 -14.72 -2.01
N SER B 196 4.07 -13.47 -2.20
CA SER B 196 2.66 -13.15 -2.06
C SER B 196 1.82 -13.93 -3.06
N ARG B 197 2.25 -13.96 -4.33
CA ARG B 197 1.53 -14.73 -5.34
C ARG B 197 1.54 -16.21 -5.00
N LEU B 198 2.65 -16.72 -4.49
CA LEU B 198 2.76 -18.14 -4.19
C LEU B 198 1.80 -18.55 -3.08
N THR B 199 1.68 -17.74 -2.03
CA THR B 199 0.84 -18.12 -0.89
C THR B 199 -0.55 -17.51 -0.92
N THR B 200 -0.65 -16.19 -0.84
CA THR B 200 -1.93 -15.55 -0.56
C THR B 200 -2.84 -15.56 -1.78
N ASP B 201 -2.27 -15.35 -2.97
CA ASP B 201 -3.10 -15.33 -4.17
C ASP B 201 -3.72 -16.70 -4.43
N VAL B 202 -2.95 -17.78 -4.26
CA VAL B 202 -3.52 -19.10 -4.46
C VAL B 202 -4.51 -19.46 -3.36
N GLN B 203 -4.25 -19.01 -2.12
CA GLN B 203 -5.23 -19.25 -1.06
C GLN B 203 -6.56 -18.58 -1.38
N GLU B 204 -6.51 -17.31 -1.81
CA GLU B 204 -7.73 -16.60 -2.19
C GLU B 204 -8.38 -17.24 -3.41
N PHE B 205 -7.59 -17.72 -4.36
CA PHE B 205 -8.14 -18.40 -5.52
C PHE B 205 -8.91 -19.65 -5.12
N LYS B 206 -8.33 -20.47 -4.25
CA LYS B 206 -9.03 -21.67 -3.79
C LYS B 206 -10.30 -21.32 -3.03
N SER B 207 -10.22 -20.31 -2.16
CA SER B 207 -11.40 -19.88 -1.40
C SER B 207 -12.52 -19.45 -2.32
N SER B 208 -12.20 -18.56 -3.27
CA SER B 208 -13.21 -18.08 -4.21
C SER B 208 -13.75 -19.22 -5.07
N PHE B 209 -12.89 -20.15 -5.47
CA PHE B 209 -13.31 -21.22 -6.35
C PHE B 209 -14.31 -22.14 -5.65
N LYS B 210 -14.01 -22.55 -4.41
CA LYS B 210 -14.97 -23.42 -3.72
C LYS B 210 -16.22 -22.65 -3.32
N LEU B 211 -16.09 -21.36 -2.96
CA LEU B 211 -17.27 -20.56 -2.65
C LEU B 211 -18.18 -20.46 -3.86
N VAL B 212 -17.61 -20.28 -5.05
CA VAL B 212 -18.40 -20.24 -6.27
C VAL B 212 -19.07 -21.59 -6.51
N ILE B 213 -18.30 -22.68 -6.35
CA ILE B 213 -18.86 -24.01 -6.57
C ILE B 213 -20.09 -24.22 -5.71
N SER B 214 -20.02 -23.81 -4.44
CA SER B 214 -21.18 -23.95 -3.57
C SER B 214 -22.31 -23.01 -4.00
N GLN B 215 -22.04 -21.70 -3.97
CA GLN B 215 -23.10 -20.71 -4.04
C GLN B 215 -23.78 -20.70 -5.41
N GLY B 216 -23.02 -20.74 -6.50
CA GLY B 216 -23.63 -20.65 -7.82
C GLY B 216 -24.55 -21.81 -8.10
N LEU B 217 -24.08 -23.02 -7.84
CA LEU B 217 -24.93 -24.20 -8.03
C LEU B 217 -26.15 -24.15 -7.13
N ARG B 218 -25.95 -23.81 -5.85
CA ARG B 218 -27.07 -23.77 -4.92
C ARG B 218 -28.12 -22.77 -5.38
N SER B 219 -27.68 -21.58 -5.79
CA SER B 219 -28.63 -20.52 -6.14
C SER B 219 -29.32 -20.81 -7.47
N CYS B 220 -28.58 -21.31 -8.46
CA CYS B 220 -29.22 -21.64 -9.73
C CYS B 220 -30.25 -22.74 -9.56
N THR B 221 -29.91 -23.79 -8.80
CA THR B 221 -30.88 -24.85 -8.54
C THR B 221 -32.06 -24.34 -7.72
N GLN B 222 -31.80 -23.43 -6.77
CA GLN B 222 -32.90 -22.83 -6.01
C GLN B 222 -33.85 -22.09 -6.91
N VAL B 223 -33.32 -21.27 -7.82
CA VAL B 223 -34.16 -20.49 -8.72
C VAL B 223 -34.97 -21.42 -9.62
N ALA B 224 -34.31 -22.43 -10.20
CA ALA B 224 -35.02 -23.36 -11.06
C ALA B 224 -36.15 -24.07 -10.32
N GLY B 225 -35.84 -24.60 -9.13
CA GLY B 225 -36.84 -25.33 -8.38
C GLY B 225 -38.01 -24.47 -7.95
N CYS B 226 -37.74 -23.28 -7.41
CA CYS B 226 -38.83 -22.42 -6.97
C CYS B 226 -39.67 -21.96 -8.14
N LEU B 227 -39.05 -21.62 -9.26
CA LEU B 227 -39.82 -21.21 -10.43
C LEU B 227 -40.70 -22.34 -10.93
N VAL B 228 -40.16 -23.55 -10.99
CA VAL B 228 -40.95 -24.70 -11.46
C VAL B 228 -42.12 -24.95 -10.51
N SER B 229 -41.86 -24.93 -9.21
CA SER B 229 -42.93 -25.19 -8.25
C SER B 229 -44.01 -24.13 -8.30
N LEU B 230 -43.62 -22.86 -8.40
CA LEU B 230 -44.61 -21.79 -8.47
C LEU B 230 -45.42 -21.88 -9.77
N SER B 231 -44.78 -22.23 -10.88
CA SER B 231 -45.51 -22.41 -12.12
C SER B 231 -46.50 -23.55 -12.02
N MET B 232 -46.09 -24.66 -11.40
CA MET B 232 -47.00 -25.78 -11.21
C MET B 232 -48.04 -25.51 -10.14
N LEU B 233 -47.81 -24.54 -9.26
CA LEU B 233 -48.75 -24.22 -8.21
C LEU B 233 -50.01 -23.57 -8.76
N THR B 235 -49.57 -20.14 -11.80
CA THR B 235 -49.61 -20.27 -13.25
C THR B 235 -48.73 -19.22 -13.91
N ARG B 236 -49.24 -18.61 -14.99
CA ARG B 236 -48.50 -17.59 -15.70
C ARG B 236 -48.23 -16.36 -14.85
N LEU B 237 -49.04 -16.14 -13.81
CA LEU B 237 -48.81 -15.00 -12.91
C LEU B 237 -47.46 -15.15 -12.19
N THR B 238 -47.12 -16.37 -11.78
CA THR B 238 -45.83 -16.60 -11.15
C THR B 238 -44.69 -16.29 -12.11
N LEU B 239 -44.82 -16.69 -13.37
CA LEU B 239 -43.80 -16.38 -14.37
C LEU B 239 -43.67 -14.88 -14.59
N LEU B 240 -44.80 -14.17 -14.64
CA LEU B 240 -44.75 -12.72 -14.79
C LEU B 240 -44.07 -12.07 -13.60
N LEU B 241 -44.38 -12.53 -12.38
CA LEU B 241 -43.74 -11.98 -11.20
C LEU B 241 -42.24 -12.25 -11.21
N MET B 242 -41.84 -13.46 -11.61
CA MET B 242 -40.41 -13.77 -11.69
C MET B 242 -39.71 -12.89 -12.72
N VAL B 243 -40.35 -12.66 -13.86
CA VAL B 243 -39.77 -11.78 -14.88
C VAL B 243 -39.63 -10.37 -14.34
N ALA B 244 -40.65 -9.88 -13.64
CA ALA B 244 -40.60 -8.52 -13.11
C ALA B 244 -39.57 -8.37 -12.00
N THR B 245 -39.30 -9.44 -11.26
CA THR B 245 -38.37 -9.37 -10.13
C THR B 245 -36.99 -8.85 -10.53
N PRO B 246 -36.38 -9.28 -11.64
CA PRO B 246 -35.06 -8.74 -11.98
C PRO B 246 -35.06 -7.23 -12.20
N ALA B 247 -36.13 -6.69 -12.77
CA ALA B 247 -36.21 -5.25 -12.94
C ALA B 247 -36.24 -4.54 -11.60
N LEU B 248 -37.00 -5.07 -10.64
CA LEU B 248 -37.03 -4.48 -9.31
C LEU B 248 -35.68 -4.58 -8.62
N MET B 249 -34.98 -5.71 -8.81
CA MET B 249 -33.64 -5.84 -8.24
C MET B 249 -32.68 -4.82 -8.83
N GLY B 250 -32.75 -4.60 -10.14
CA GLY B 250 -31.93 -3.58 -10.76
C GLY B 250 -32.26 -2.18 -10.27
N VAL B 251 -33.55 -1.89 -10.12
CA VAL B 251 -33.96 -0.58 -9.60
C VAL B 251 -33.44 -0.38 -8.18
N GLY B 252 -33.46 -1.45 -7.38
CA GLY B 252 -32.91 -1.36 -6.03
C GLY B 252 -31.40 -1.13 -6.03
N THR B 253 -30.68 -1.85 -6.88
CA THR B 253 -29.24 -1.67 -6.98
C THR B 253 -28.87 -0.33 -7.62
N LEU B 254 -29.83 0.34 -8.25
CA LEU B 254 -29.58 1.68 -8.78
C LEU B 254 -29.15 2.65 -7.68
N MET B 255 -29.59 2.44 -6.45
CA MET B 255 -29.15 3.29 -5.34
C MET B 255 -27.65 3.12 -5.09
N GLY B 256 -27.17 1.88 -5.05
CA GLY B 256 -25.74 1.65 -4.95
C GLY B 256 -24.96 2.15 -6.15
N SER B 257 -25.57 2.06 -7.33
CA SER B 257 -24.93 2.62 -8.52
C SER B 257 -24.77 4.13 -8.40
N GLY B 258 -25.81 4.81 -7.91
CA GLY B 258 -25.70 6.23 -7.66
C GLY B 258 -24.66 6.54 -6.60
N LEU B 259 -24.55 5.68 -5.58
CA LEU B 259 -23.55 5.88 -4.54
C LEU B 259 -22.14 5.79 -5.09
N ARG B 260 -21.85 4.77 -5.91
CA ARG B 260 -20.51 4.65 -6.48
C ARG B 260 -20.24 5.79 -7.46
N LYS B 261 -21.25 6.20 -8.22
CA LYS B 261 -21.06 7.32 -9.14
C LYS B 261 -20.75 8.60 -8.38
N LEU B 262 -21.46 8.84 -7.27
CA LEU B 262 -21.17 10.00 -6.43
C LEU B 262 -19.75 9.95 -5.90
N SER B 263 -19.34 8.80 -5.36
CA SER B 263 -17.99 8.69 -4.81
C SER B 263 -16.93 8.92 -5.87
N ARG B 264 -17.10 8.30 -7.04
CA ARG B 264 -16.11 8.42 -8.10
C ARG B 264 -16.04 9.86 -8.62
N GLN B 265 -17.19 10.50 -8.81
CA GLN B 265 -17.20 11.87 -9.30
C GLN B 265 -16.57 12.82 -8.29
N CYS B 266 -16.88 12.63 -7.00
CA CYS B 266 -16.26 13.47 -5.97
C CYS B 266 -14.75 13.28 -5.93
N GLN B 267 -14.29 12.04 -6.02
CA GLN B 267 -12.85 11.78 -6.02
C GLN B 267 -12.18 12.41 -7.23
N GLU B 268 -12.79 12.29 -8.41
CA GLU B 268 -12.22 12.89 -9.61
C GLU B 268 -12.16 14.40 -9.50
N GLN B 269 -13.22 15.03 -8.99
CA GLN B 269 -13.22 16.48 -8.84
C GLN B 269 -12.18 16.93 -7.82
N ILE B 270 -12.03 16.18 -6.72
CA ILE B 270 -11.02 16.53 -5.72
C ILE B 270 -9.63 16.40 -6.32
N ALA B 271 -9.37 15.33 -7.08
CA ALA B 271 -8.05 15.16 -7.68
C ALA B 271 -7.76 16.25 -8.70
N ARG B 272 -8.76 16.64 -9.51
CA ARG B 272 -8.53 17.66 -10.52
C ARG B 272 -8.32 19.03 -9.89
N ALA B 273 -9.14 19.37 -8.88
CA ALA B 273 -9.06 20.71 -8.31
C ALA B 273 -7.83 20.89 -7.43
N MET B 274 -7.48 19.87 -6.64
CA MET B 274 -6.36 19.98 -5.73
C MET B 274 -5.03 19.89 -6.49
N GLY B 275 -3.93 20.02 -5.75
CA GLY B 275 -2.60 20.01 -6.31
C GLY B 275 -1.77 21.23 -5.95
N VAL B 276 -2.44 22.38 -5.77
CA VAL B 276 -1.73 23.59 -5.40
C VAL B 276 -1.10 23.42 -4.01
N ALA B 277 -1.87 22.88 -3.07
CA ALA B 277 -1.33 22.62 -1.74
C ALA B 277 -0.23 21.58 -1.79
N ASP B 278 -0.40 20.53 -2.61
CA ASP B 278 0.63 19.51 -2.75
C ASP B 278 1.91 20.11 -3.32
N GLU B 279 1.78 20.96 -4.34
CA GLU B 279 2.97 21.60 -4.91
C GLU B 279 3.64 22.52 -3.90
N ALA B 280 2.84 23.27 -3.14
CA ALA B 280 3.42 24.19 -2.16
C ALA B 280 4.16 23.45 -1.06
N LEU B 281 3.56 22.38 -0.53
CA LEU B 281 4.20 21.62 0.54
C LEU B 281 5.32 20.72 0.06
N GLY B 282 5.33 20.37 -1.23
CA GLY B 282 6.41 19.54 -1.74
C GLY B 282 7.77 20.21 -1.64
N ASN B 283 7.82 21.50 -1.97
CA ASN B 283 9.02 22.31 -1.81
C ASN B 283 8.72 23.38 -0.77
N VAL B 284 8.91 23.03 0.51
CA VAL B 284 8.60 23.98 1.58
C VAL B 284 9.80 24.86 1.89
N ARG B 285 11.02 24.37 1.63
CA ARG B 285 12.20 25.19 1.87
C ARG B 285 12.18 26.45 1.04
N THR B 286 11.83 26.33 -0.24
CA THR B 286 11.81 27.50 -1.12
C THR B 286 10.68 28.46 -0.76
N VAL B 287 9.49 27.93 -0.46
CA VAL B 287 8.37 28.80 -0.13
C VAL B 287 8.62 29.50 1.20
N ARG B 288 9.39 28.89 2.10
CA ARG B 288 9.74 29.57 3.35
C ARG B 288 10.89 30.55 3.14
N ALA B 289 11.75 30.29 2.15
CA ALA B 289 12.95 31.11 1.98
C ALA B 289 12.62 32.46 1.35
N PHE B 290 11.69 32.50 0.40
CA PHE B 290 11.44 33.73 -0.33
C PHE B 290 10.37 34.61 0.34
N ALA B 291 9.88 34.18 1.51
CA ALA B 291 9.11 35.07 2.45
C ALA B 291 7.61 35.31 2.25
N MET B 292 6.90 34.73 1.28
CA MET B 292 5.47 35.02 1.20
C MET B 292 4.66 33.76 1.46
N GLU B 293 3.49 33.99 2.09
CA GLU B 293 2.46 32.96 2.40
C GLU B 293 1.07 33.49 2.00
N GLN B 294 0.97 34.76 1.59
CA GLN B 294 -0.33 35.41 1.22
C GLN B 294 -0.79 35.02 -0.19
N ARG B 295 0.10 35.02 -1.18
CA ARG B 295 -0.27 34.66 -2.54
C ARG B 295 -0.75 33.22 -2.61
N GLU B 296 -0.08 32.33 -1.88
CA GLU B 296 -0.57 30.97 -1.76
C GLU B 296 -1.95 30.94 -1.12
N GLU B 297 -2.23 31.83 -0.16
CA GLU B 297 -3.55 31.82 0.47
C GLU B 297 -4.65 32.22 -0.52
N GLU B 298 -4.48 33.28 -1.31
CA GLU B 298 -5.59 33.58 -2.21
C GLU B 298 -5.67 32.58 -3.36
N ARG B 299 -4.54 32.03 -3.82
CA ARG B 299 -4.63 30.99 -4.85
C ARG B 299 -5.35 29.76 -4.32
N TYR B 300 -5.03 29.34 -3.09
CA TYR B 300 -5.70 28.18 -2.51
C TYR B 300 -7.18 28.47 -2.28
N GLY B 301 -7.50 29.69 -1.84
CA GLY B 301 -8.89 30.05 -1.67
C GLY B 301 -9.67 30.04 -2.97
N ALA B 302 -9.06 30.54 -4.05
CA ALA B 302 -9.72 30.50 -5.35
C ALA B 302 -9.92 29.07 -5.83
N GLU B 303 -8.91 28.21 -5.65
CA GLU B 303 -9.04 26.81 -6.06
C GLU B 303 -10.15 26.13 -5.28
N LEU B 304 -10.21 26.37 -3.97
CA LEU B 304 -11.27 25.78 -3.16
C LEU B 304 -12.64 26.36 -3.47
N GLU B 305 -12.72 27.63 -3.87
CA GLU B 305 -14.00 28.17 -4.29
C GLU B 305 -14.48 27.54 -5.59
N ALA B 306 -13.57 27.30 -6.53
CA ALA B 306 -13.94 26.61 -7.76
C ALA B 306 -14.40 25.18 -7.47
N CYS B 307 -13.63 24.46 -6.65
CA CYS B 307 -14.03 23.11 -6.26
C CYS B 307 -15.34 23.14 -5.49
N ARG B 308 -15.57 24.22 -4.73
CA ARG B 308 -16.82 24.40 -3.99
C ARG B 308 -18.00 24.50 -4.94
N CYS B 309 -17.89 25.34 -5.97
CA CYS B 309 -18.96 25.47 -6.93
C CYS B 309 -19.23 24.13 -7.61
N ARG B 310 -18.18 23.50 -8.14
CA ARG B 310 -18.33 22.21 -8.80
C ARG B 310 -19.00 21.21 -7.87
N ALA B 311 -18.68 21.27 -6.59
CA ALA B 311 -19.32 20.39 -5.61
C ALA B 311 -20.81 20.68 -5.47
N GLU B 312 -21.21 21.96 -5.50
CA GLU B 312 -22.64 22.25 -5.42
C GLU B 312 -23.39 21.68 -6.62
N GLU B 313 -22.89 21.92 -7.84
CA GLU B 313 -23.61 21.31 -8.98
C GLU B 313 -23.57 19.78 -8.94
N LEU B 314 -22.44 19.17 -8.56
CA LEU B 314 -22.38 17.71 -8.54
C LEU B 314 -23.35 17.14 -7.52
N GLY B 315 -23.41 17.74 -6.33
CA GLY B 315 -24.34 17.29 -5.31
C GLY B 315 -25.79 17.48 -5.73
N ARG B 316 -26.11 18.61 -6.36
CA ARG B 316 -27.47 18.84 -6.84
C ARG B 316 -27.87 17.79 -7.87
N GLY B 317 -26.96 17.49 -8.80
CA GLY B 317 -27.25 16.47 -9.81
C GLY B 317 -27.46 15.09 -9.19
N ILE B 318 -26.60 14.71 -8.25
CA ILE B 318 -26.76 13.42 -7.58
C ILE B 318 -28.07 13.38 -6.81
N ALA B 319 -28.44 14.51 -6.20
CA ALA B 319 -29.70 14.60 -5.48
C ALA B 319 -30.88 14.34 -6.41
N LEU B 320 -30.92 15.02 -7.54
CA LEU B 320 -32.03 14.84 -8.47
C LEU B 320 -32.05 13.41 -9.01
N PHE B 321 -30.87 12.86 -9.30
CA PHE B 321 -30.80 11.50 -9.83
C PHE B 321 -31.35 10.48 -8.83
N GLN B 322 -30.94 10.57 -7.57
CA GLN B 322 -31.41 9.61 -6.58
C GLN B 322 -32.89 9.81 -6.30
N GLY B 323 -33.37 11.06 -6.33
CA GLY B 323 -34.79 11.29 -6.13
C GLY B 323 -35.63 10.65 -7.23
N LEU B 324 -35.19 10.81 -8.47
CA LEU B 324 -35.89 10.17 -9.58
C LEU B 324 -35.82 8.65 -9.48
N SER B 325 -34.66 8.13 -9.07
CA SER B 325 -34.54 6.69 -8.89
C SER B 325 -35.55 6.17 -7.88
N ASN B 326 -35.65 6.82 -6.72
CA ASN B 326 -36.58 6.38 -5.69
C ASN B 326 -38.03 6.50 -6.16
N ILE B 327 -38.39 7.65 -6.75
CA ILE B 327 -39.76 7.87 -7.19
C ILE B 327 -40.17 6.79 -8.18
N ALA B 328 -39.33 6.52 -9.18
CA ALA B 328 -39.66 5.51 -10.18
C ALA B 328 -39.69 4.12 -9.57
N PHE B 329 -38.76 3.82 -8.65
CA PHE B 329 -38.68 2.48 -8.10
C PHE B 329 -39.94 2.11 -7.34
N ASN B 330 -40.36 2.96 -6.40
CA ASN B 330 -41.55 2.58 -5.62
C ASN B 330 -42.84 2.78 -6.41
N CYS B 331 -42.84 3.69 -7.39
CA CYS B 331 -43.99 3.74 -8.29
C CYS B 331 -44.14 2.44 -9.04
N MET B 332 -43.03 1.88 -9.53
CA MET B 332 -43.08 0.57 -10.18
C MET B 332 -43.52 -0.51 -9.20
N VAL B 333 -43.05 -0.45 -7.96
CA VAL B 333 -43.46 -1.44 -6.96
C VAL B 333 -44.97 -1.44 -6.80
N LEU B 334 -45.55 -0.25 -6.59
CA LEU B 334 -46.99 -0.15 -6.39
C LEU B 334 -47.76 -0.58 -7.64
N GLY B 335 -47.30 -0.13 -8.81
CA GLY B 335 -47.98 -0.47 -10.04
C GLY B 335 -47.99 -1.97 -10.30
N THR B 336 -46.86 -2.63 -10.07
CA THR B 336 -46.81 -4.08 -10.23
C THR B 336 -47.70 -4.78 -9.22
N LEU B 337 -47.58 -4.40 -7.94
CA LEU B 337 -48.36 -5.05 -6.90
C LEU B 337 -49.86 -4.92 -7.14
N PHE B 338 -50.28 -3.84 -7.80
CA PHE B 338 -51.70 -3.70 -8.13
C PHE B 338 -52.06 -4.48 -9.39
N ILE B 339 -51.35 -4.21 -10.49
CA ILE B 339 -51.75 -4.71 -11.80
C ILE B 339 -51.64 -6.22 -11.87
N GLY B 340 -50.55 -6.79 -11.35
CA GLY B 340 -50.39 -8.23 -11.43
C GLY B 340 -51.50 -8.97 -10.73
N GLY B 341 -51.83 -8.55 -9.50
CA GLY B 341 -52.94 -9.17 -8.79
C GLY B 341 -54.27 -8.98 -9.50
N SER B 342 -54.51 -7.76 -9.99
CA SER B 342 -55.78 -7.49 -10.66
C SER B 342 -55.95 -8.35 -11.90
N LEU B 343 -54.88 -8.53 -12.68
CA LEU B 343 -54.97 -9.35 -13.88
C LEU B 343 -55.05 -10.83 -13.55
N VAL B 344 -54.33 -11.28 -12.52
CA VAL B 344 -54.39 -12.70 -12.16
C VAL B 344 -55.73 -13.05 -11.53
N ALA B 345 -56.47 -12.05 -11.02
CA ALA B 345 -57.78 -12.31 -10.46
C ALA B 345 -58.73 -12.91 -11.49
N GLY B 346 -58.56 -12.56 -12.76
CA GLY B 346 -59.40 -13.11 -13.82
C GLY B 346 -59.01 -14.52 -14.20
N GLN B 348 -59.60 -18.64 -10.91
CA GLN B 348 -59.94 -18.91 -9.52
C GLN B 348 -58.86 -19.77 -8.86
N LEU B 349 -57.93 -19.11 -8.17
CA LEU B 349 -56.84 -19.80 -7.51
C LEU B 349 -57.19 -20.03 -6.04
N THR B 350 -56.31 -20.72 -5.33
CA THR B 350 -56.53 -21.01 -3.92
C THR B 350 -56.42 -19.75 -3.09
N GLY B 351 -57.22 -19.68 -2.02
CA GLY B 351 -57.15 -18.54 -1.13
C GLY B 351 -55.81 -18.40 -0.44
N GLY B 352 -55.24 -19.53 -0.01
CA GLY B 352 -53.93 -19.54 0.60
C GLY B 352 -52.76 -19.54 -0.35
N ASP B 353 -53.02 -19.57 -1.65
CA ASP B 353 -51.93 -19.57 -2.63
C ASP B 353 -51.12 -18.29 -2.55
N LEU B 354 -51.79 -17.15 -2.37
CA LEU B 354 -51.08 -15.87 -2.30
C LEU B 354 -50.13 -15.83 -1.11
N MET B 355 -50.58 -16.31 0.05
CA MET B 355 -49.73 -16.29 1.24
C MET B 355 -48.49 -17.16 1.04
N SER B 356 -48.65 -18.33 0.42
CA SER B 356 -47.50 -19.19 0.14
C SER B 356 -46.61 -18.58 -0.92
N PHE B 357 -47.17 -17.76 -1.82
CA PHE B 357 -46.38 -17.15 -2.88
C PHE B 357 -45.55 -15.97 -2.38
N LEU B 358 -46.06 -15.23 -1.39
CA LEU B 358 -45.37 -14.02 -0.94
C LEU B 358 -44.02 -14.28 -0.29
N VAL B 359 -43.70 -15.52 0.06
CA VAL B 359 -42.47 -15.79 0.80
C VAL B 359 -41.30 -16.10 -0.14
N ALA B 360 -41.56 -16.68 -1.31
CA ALA B 360 -40.49 -17.05 -2.21
C ALA B 360 -39.79 -15.84 -2.82
N SER B 361 -40.42 -14.66 -2.76
CA SER B 361 -39.81 -13.47 -3.32
C SER B 361 -38.50 -13.13 -2.60
N GLN B 362 -38.49 -13.25 -1.26
CA GLN B 362 -37.27 -12.99 -0.51
C GLN B 362 -36.16 -13.95 -0.91
N THR B 363 -36.50 -15.23 -1.06
CA THR B 363 -35.50 -16.22 -1.44
C THR B 363 -34.93 -15.94 -2.82
N VAL B 364 -35.79 -15.62 -3.79
CA VAL B 364 -35.29 -15.37 -5.13
C VAL B 364 -34.47 -14.08 -5.16
N GLN B 365 -34.87 -13.07 -4.41
CA GLN B 365 -34.09 -11.83 -4.34
C GLN B 365 -32.70 -12.10 -3.76
N ARG B 366 -32.64 -12.89 -2.69
CA ARG B 366 -31.34 -13.27 -2.11
C ARG B 366 -30.51 -14.04 -3.12
N SER B 367 -31.14 -14.92 -3.89
CA SER B 367 -30.41 -15.68 -4.91
C SER B 367 -29.80 -14.76 -5.96
N MET B 368 -30.59 -13.79 -6.45
CA MET B 368 -30.04 -12.89 -7.47
C MET B 368 -28.94 -12.01 -6.90
N ALA B 369 -29.05 -11.61 -5.63
CA ALA B 369 -27.95 -10.89 -5.00
C ALA B 369 -26.70 -11.75 -4.93
N ASN B 370 -26.88 -13.03 -4.59
CA ASN B 370 -25.75 -13.96 -4.56
C ASN B 370 -25.10 -14.08 -5.93
N LEU B 371 -25.89 -14.20 -6.99
CA LEU B 371 -25.32 -14.22 -8.34
C LEU B 371 -24.58 -12.92 -8.65
N SER B 372 -25.14 -11.77 -8.25
CA SER B 372 -24.51 -10.50 -8.56
C SER B 372 -23.13 -10.40 -7.93
N VAL B 373 -23.02 -10.80 -6.66
CA VAL B 373 -21.71 -10.76 -6.00
C VAL B 373 -20.80 -11.86 -6.56
N LEU B 374 -21.37 -13.02 -6.86
CA LEU B 374 -20.59 -14.16 -7.31
C LEU B 374 -20.00 -13.92 -8.70
N PHE B 375 -20.59 -13.05 -9.50
CA PHE B 375 -19.98 -12.69 -10.78
C PHE B 375 -18.61 -12.04 -10.56
N GLY B 376 -18.54 -11.10 -9.61
CA GLY B 376 -17.26 -10.50 -9.27
C GLY B 376 -16.31 -11.51 -8.67
N GLN B 377 -16.82 -12.40 -7.81
CA GLN B 377 -15.96 -13.45 -7.28
C GLN B 377 -15.37 -14.29 -8.41
N VAL B 378 -16.18 -14.66 -9.40
CA VAL B 378 -15.71 -15.49 -10.51
C VAL B 378 -14.65 -14.76 -11.32
N VAL B 379 -14.90 -13.49 -11.65
CA VAL B 379 -13.93 -12.78 -12.47
C VAL B 379 -12.60 -12.64 -11.75
N ARG B 380 -12.64 -12.28 -10.45
CA ARG B 380 -11.40 -12.15 -9.70
C ARG B 380 -10.68 -13.48 -9.58
N GLY B 381 -11.43 -14.55 -9.30
CA GLY B 381 -10.80 -15.86 -9.17
C GLY B 381 -10.20 -16.37 -10.46
N LEU B 382 -10.89 -16.15 -11.59
CA LEU B 382 -10.34 -16.60 -12.86
C LEU B 382 -9.10 -15.80 -13.23
N SER B 383 -9.08 -14.50 -12.95
CA SER B 383 -7.86 -13.72 -13.20
C SER B 383 -6.70 -14.23 -12.36
N ALA B 384 -6.96 -14.48 -11.07
CA ALA B 384 -5.90 -14.96 -10.18
C ALA B 384 -5.39 -16.33 -10.62
N GLY B 385 -6.31 -17.23 -10.98
CA GLY B 385 -5.89 -18.55 -11.43
C GLY B 385 -5.13 -18.50 -12.75
N ALA B 386 -5.54 -17.61 -13.65
CA ALA B 386 -4.85 -17.47 -14.92
C ALA B 386 -3.42 -16.99 -14.71
N ARG B 387 -3.23 -15.99 -13.84
CA ARG B 387 -1.87 -15.51 -13.61
C ARG B 387 -1.03 -16.55 -12.87
N VAL B 388 -1.65 -17.28 -11.93
CA VAL B 388 -0.93 -18.33 -11.20
C VAL B 388 -0.45 -19.40 -12.17
N PHE B 389 -1.32 -19.83 -13.08
CA PHE B 389 -0.95 -20.90 -14.00
C PHE B 389 0.01 -20.40 -15.07
N GLU B 390 -0.07 -19.11 -15.42
CA GLU B 390 0.90 -18.55 -16.35
C GLU B 390 2.30 -18.53 -15.74
N TYR B 391 2.41 -18.18 -14.45
CA TYR B 391 3.70 -18.14 -13.79
C TYR B 391 4.09 -19.45 -13.15
N MET B 392 3.26 -20.50 -13.26
CA MET B 392 3.53 -21.75 -12.56
C MET B 392 4.46 -22.65 -13.35
N ALA B 393 4.27 -22.75 -14.66
CA ALA B 393 5.03 -23.69 -15.50
C ALA B 393 5.76 -22.89 -16.58
N LEU B 394 7.09 -22.83 -16.48
CA LEU B 394 7.92 -22.17 -17.46
C LEU B 394 8.99 -23.15 -17.93
N ASN B 395 9.95 -22.64 -18.70
CA ASN B 395 11.07 -23.41 -19.22
C ASN B 395 12.37 -22.77 -18.76
N PRO B 396 13.20 -23.50 -18.00
CA PRO B 396 14.43 -22.90 -17.50
C PRO B 396 15.35 -22.45 -18.63
N CYS B 397 15.98 -21.29 -18.42
CA CYS B 397 16.85 -20.73 -19.45
C CYS B 397 18.08 -21.61 -19.69
N ILE B 398 18.67 -22.13 -18.62
CA ILE B 398 19.82 -23.01 -18.72
C ILE B 398 19.53 -24.29 -17.94
N PRO B 399 19.82 -25.47 -18.50
CA PRO B 399 19.53 -26.71 -17.76
C PRO B 399 20.32 -26.77 -16.45
N LEU B 400 19.66 -27.30 -15.42
CA LEU B 400 20.29 -27.44 -14.12
C LEU B 400 20.85 -28.84 -13.90
N SER B 401 20.20 -29.87 -14.45
CA SER B 401 20.67 -31.24 -14.33
C SER B 401 21.50 -31.69 -15.51
N GLY B 402 21.80 -30.80 -16.45
CA GLY B 402 22.58 -31.14 -17.62
C GLY B 402 24.00 -31.57 -17.31
N ARG B 412 39.69 -30.58 -11.29
CA ARG B 412 40.94 -30.79 -10.57
C ARG B 412 42.12 -30.16 -11.32
N GLY B 413 42.16 -28.83 -11.34
CA GLY B 413 43.22 -28.14 -12.04
C GLY B 413 42.98 -26.64 -12.04
N SER B 414 43.66 -25.96 -12.96
CA SER B 414 43.58 -24.52 -13.06
C SER B 414 42.34 -24.09 -13.83
N VAL B 415 41.97 -22.82 -13.68
CA VAL B 415 40.84 -22.22 -14.36
C VAL B 415 41.28 -20.89 -14.96
N THR B 416 40.79 -20.58 -16.16
CA THR B 416 41.22 -19.39 -16.86
C THR B 416 40.09 -18.85 -17.73
N PHE B 417 40.19 -17.57 -18.05
CA PHE B 417 39.27 -16.88 -18.95
C PHE B 417 39.98 -16.58 -20.27
N GLN B 418 39.21 -16.24 -21.28
CA GLN B 418 39.78 -15.81 -22.56
C GLN B 418 38.78 -14.91 -23.27
N ASN B 419 39.07 -13.61 -23.29
CA ASN B 419 38.32 -12.62 -24.05
C ASN B 419 36.83 -12.65 -23.69
N VAL B 420 36.55 -12.81 -22.41
CA VAL B 420 35.17 -12.91 -21.93
C VAL B 420 34.62 -11.50 -21.75
N CYS B 421 33.53 -11.20 -22.45
CA CYS B 421 32.81 -9.94 -22.29
C CYS B 421 31.36 -10.25 -21.95
N PHE B 422 30.76 -9.39 -21.14
CA PHE B 422 29.41 -9.63 -20.67
C PHE B 422 28.78 -8.33 -20.17
N SER B 423 27.45 -8.28 -20.23
CA SER B 423 26.69 -7.16 -19.68
C SER B 423 25.42 -7.73 -19.07
N TYR B 424 24.86 -7.00 -18.11
CA TYR B 424 23.65 -7.45 -17.44
C TYR B 424 22.50 -7.52 -18.44
N PRO B 425 21.68 -8.57 -18.39
CA PRO B 425 20.56 -8.67 -19.35
C PRO B 425 19.61 -7.50 -19.30
N CYS B 426 19.33 -6.97 -18.10
CA CYS B 426 18.49 -5.79 -17.97
C CYS B 426 19.35 -4.55 -18.17
N ARG B 427 18.85 -3.61 -18.96
CA ARG B 427 19.57 -2.40 -19.35
C ARG B 427 20.91 -2.75 -19.97
N PRO B 428 20.92 -3.35 -21.17
CA PRO B 428 22.20 -3.71 -21.80
C PRO B 428 23.08 -2.52 -22.13
N GLY B 429 22.56 -1.30 -22.11
CA GLY B 429 23.37 -0.14 -22.41
C GLY B 429 24.52 0.04 -21.43
N PHE B 430 24.29 -0.32 -20.17
CA PHE B 430 25.33 -0.28 -19.15
C PHE B 430 26.16 -1.54 -19.39
N GLU B 431 27.29 -1.37 -20.08
CA GLU B 431 28.16 -2.51 -20.34
C GLU B 431 29.13 -2.69 -19.18
N VAL B 432 29.64 -3.91 -19.03
CA VAL B 432 30.47 -4.25 -17.88
C VAL B 432 31.86 -4.66 -18.31
N LEU B 433 31.96 -5.73 -19.11
CA LEU B 433 33.24 -6.38 -19.41
C LEU B 433 33.76 -5.94 -20.77
N LYS B 434 34.93 -5.29 -20.78
CA LYS B 434 35.65 -4.95 -22.01
C LYS B 434 36.82 -5.91 -22.19
N ASP B 435 36.54 -7.05 -22.84
CA ASP B 435 37.57 -8.01 -23.26
C ASP B 435 38.48 -8.40 -22.09
N PHE B 436 37.86 -9.09 -21.13
CA PHE B 436 38.55 -9.42 -19.89
C PHE B 436 39.24 -10.78 -20.01
N THR B 437 40.54 -10.81 -19.73
CA THR B 437 41.32 -12.04 -19.76
C THR B 437 42.02 -12.21 -18.41
N LEU B 438 41.93 -13.42 -17.86
CA LEU B 438 42.56 -13.71 -16.58
C LEU B 438 42.70 -15.21 -16.43
N THR B 439 43.74 -15.63 -15.71
CA THR B 439 43.99 -17.04 -15.43
C THR B 439 44.28 -17.22 -13.95
N LEU B 440 43.95 -18.40 -13.44
CA LEU B 440 44.21 -18.75 -12.04
C LEU B 440 45.23 -19.88 -12.00
N PRO B 441 46.41 -19.66 -11.43
CA PRO B 441 47.39 -20.74 -11.27
C PRO B 441 46.83 -21.84 -10.38
N PRO B 442 47.13 -23.10 -10.70
CA PRO B 442 46.56 -24.23 -9.93
C PRO B 442 47.22 -24.45 -8.57
N GLY B 443 46.76 -23.68 -7.59
CA GLY B 443 47.24 -23.85 -6.22
C GLY B 443 47.94 -22.62 -5.67
N LYS B 444 47.53 -21.43 -6.10
CA LYS B 444 48.13 -20.19 -5.65
C LYS B 444 47.03 -19.19 -5.30
N ILE B 445 47.40 -18.21 -4.48
CA ILE B 445 46.45 -17.21 -4.01
C ILE B 445 46.35 -16.08 -5.03
N VAL B 446 45.12 -15.73 -5.41
CA VAL B 446 44.87 -14.66 -6.36
C VAL B 446 43.85 -13.69 -5.75
N ALA B 447 44.11 -12.40 -5.90
CA ALA B 447 43.25 -11.36 -5.36
C ALA B 447 42.83 -10.39 -6.45
N LEU B 448 41.95 -9.46 -6.08
CA LEU B 448 41.44 -8.44 -6.98
C LEU B 448 40.97 -7.27 -6.15
N VAL B 449 41.12 -6.05 -6.66
CA VAL B 449 40.86 -4.85 -5.88
C VAL B 449 40.48 -3.70 -6.82
N GLY B 450 39.68 -2.78 -6.28
CA GLY B 450 39.30 -1.58 -7.00
C GLY B 450 38.27 -0.81 -6.20
N GLN B 451 38.35 0.51 -6.30
CA GLN B 451 37.43 1.36 -5.54
C GLN B 451 35.99 1.11 -5.97
N SER B 452 35.76 0.98 -7.28
CA SER B 452 34.51 0.46 -7.81
C SER B 452 34.73 -0.56 -8.92
N GLY B 453 35.89 -0.59 -9.55
CA GLY B 453 36.24 -1.62 -10.49
C GLY B 453 35.54 -1.53 -11.82
N GLY B 454 34.22 -1.36 -11.79
CA GLY B 454 33.40 -1.47 -12.97
C GLY B 454 32.66 -2.79 -12.97
N GLY B 455 32.31 -3.26 -11.77
CA GLY B 455 31.67 -4.55 -11.62
C GLY B 455 32.62 -5.65 -11.21
N LYS B 456 33.43 -5.41 -10.17
CA LYS B 456 34.38 -6.42 -9.73
C LYS B 456 33.66 -7.65 -9.18
N THR B 457 32.53 -7.45 -8.51
CA THR B 457 31.81 -8.59 -7.93
C THR B 457 31.20 -9.47 -9.02
N THR B 458 30.59 -8.87 -10.05
CA THR B 458 29.98 -9.67 -11.10
C THR B 458 31.04 -10.34 -11.98
N VAL B 459 32.22 -9.72 -12.13
CA VAL B 459 33.32 -10.39 -12.79
C VAL B 459 33.82 -11.55 -11.95
N ALA B 460 33.83 -11.38 -10.62
CA ALA B 460 34.15 -12.50 -9.74
C ALA B 460 33.12 -13.61 -9.87
N SER B 461 31.90 -13.28 -10.28
CA SER B 461 30.89 -14.26 -10.64
C SER B 461 31.13 -14.73 -12.07
N LEU B 462 30.13 -15.38 -12.67
CA LEU B 462 30.07 -15.87 -14.04
C LEU B 462 30.82 -17.18 -14.21
N LEU B 463 31.48 -17.71 -13.20
CA LEU B 463 32.10 -19.03 -13.29
C LEU B 463 31.22 -20.13 -12.72
N GLU B 464 30.26 -19.78 -11.86
CA GLU B 464 29.29 -20.73 -11.34
C GLU B 464 28.08 -20.90 -12.25
N ARG B 465 28.20 -20.48 -13.52
CA ARG B 465 27.11 -20.55 -14.49
C ARG B 465 25.89 -19.77 -14.04
N PHE B 466 26.10 -18.71 -13.26
CA PHE B 466 25.00 -17.82 -12.91
C PHE B 466 24.44 -17.13 -14.15
N TYR B 467 25.33 -16.67 -15.03
CA TYR B 467 24.94 -16.09 -16.31
C TYR B 467 25.92 -16.58 -17.37
N ASP B 468 25.39 -16.92 -18.54
CA ASP B 468 26.25 -17.37 -19.63
C ASP B 468 27.05 -16.20 -20.19
N PRO B 469 28.30 -16.42 -20.57
CA PRO B 469 29.11 -15.32 -21.11
C PRO B 469 28.65 -14.93 -22.51
N THR B 470 28.66 -13.62 -22.76
CA THR B 470 28.26 -13.13 -24.08
C THR B 470 29.27 -13.56 -25.15
N ALA B 471 30.57 -13.49 -24.84
CA ALA B 471 31.61 -13.89 -25.77
C ALA B 471 32.79 -14.43 -24.97
N GLY B 472 33.80 -14.90 -25.69
CA GLY B 472 34.97 -15.48 -25.06
C GLY B 472 34.72 -16.91 -24.60
N VAL B 473 35.73 -17.49 -23.96
CA VAL B 473 35.66 -18.86 -23.48
C VAL B 473 36.19 -18.91 -22.06
N VAL B 474 35.75 -19.93 -21.32
CA VAL B 474 36.23 -20.20 -19.96
C VAL B 474 36.71 -21.63 -19.94
N MET B 475 37.93 -21.84 -19.45
CA MET B 475 38.55 -23.16 -19.42
C MET B 475 38.78 -23.58 -17.97
N LEU B 476 38.52 -24.86 -17.69
CA LEU B 476 38.71 -25.42 -16.36
C LEU B 476 39.23 -26.84 -16.49
N ASP B 477 40.45 -27.07 -16.03
CA ASP B 477 41.07 -28.40 -16.03
C ASP B 477 41.11 -28.99 -17.43
N GLY B 478 41.32 -28.13 -18.43
CA GLY B 478 41.39 -28.60 -19.80
C GLY B 478 40.07 -28.93 -20.45
N ARG B 479 38.95 -28.64 -19.79
CA ARG B 479 37.63 -28.90 -20.34
C ARG B 479 36.76 -27.66 -20.19
N ASP B 480 35.87 -27.47 -21.16
CA ASP B 480 34.94 -26.35 -21.12
C ASP B 480 33.88 -26.57 -20.05
N LEU B 481 33.47 -25.47 -19.41
CA LEU B 481 32.43 -25.57 -18.39
C LEU B 481 31.06 -25.85 -18.99
N ARG B 482 30.82 -25.44 -20.23
CA ARG B 482 29.53 -25.69 -20.86
C ARG B 482 29.25 -27.18 -21.00
N THR B 483 30.24 -27.95 -21.46
CA THR B 483 30.03 -29.38 -21.62
C THR B 483 29.97 -30.08 -20.26
N LEU B 484 30.67 -29.55 -19.26
CA LEU B 484 30.58 -30.10 -17.92
C LEU B 484 29.22 -29.82 -17.31
N ASP B 485 28.77 -30.74 -16.48
CA ASP B 485 27.47 -30.60 -15.83
C ASP B 485 27.53 -29.49 -14.79
N PRO B 486 26.65 -28.49 -14.85
CA PRO B 486 26.70 -27.41 -13.86
C PRO B 486 26.52 -27.87 -12.43
N SER B 487 25.72 -28.93 -12.21
CA SER B 487 25.52 -29.42 -10.85
C SER B 487 26.81 -29.96 -10.25
N TRP B 488 27.59 -30.70 -11.05
CA TRP B 488 28.85 -31.24 -10.56
C TRP B 488 29.81 -30.12 -10.17
N LEU B 489 29.92 -29.09 -11.02
CA LEU B 489 30.80 -27.97 -10.72
C LEU B 489 30.33 -27.22 -9.49
N ARG B 490 29.01 -27.03 -9.35
CA ARG B 490 28.48 -26.33 -8.19
C ARG B 490 28.75 -27.10 -6.90
N GLY B 491 28.55 -28.41 -6.91
CA GLY B 491 28.58 -29.18 -5.68
C GLY B 491 29.90 -29.82 -5.30
N GLN B 492 30.84 -29.91 -6.24
CA GLN B 492 32.09 -30.60 -5.94
C GLN B 492 33.33 -29.84 -6.41
N VAL B 493 33.19 -28.59 -6.84
CA VAL B 493 34.36 -27.85 -7.33
C VAL B 493 34.52 -26.53 -6.60
N VAL B 494 33.48 -25.70 -6.61
CA VAL B 494 33.58 -24.30 -6.23
C VAL B 494 32.84 -24.07 -4.92
N GLY B 495 33.51 -23.45 -3.96
CA GLY B 495 32.89 -22.98 -2.74
C GLY B 495 32.83 -21.46 -2.74
N PHE B 496 31.77 -20.91 -2.14
CA PHE B 496 31.48 -19.49 -2.24
C PHE B 496 31.19 -18.94 -0.84
N ILE B 497 31.87 -17.85 -0.49
CA ILE B 497 31.62 -17.09 0.74
C ILE B 497 31.25 -15.68 0.35
N SER B 498 30.08 -15.23 0.80
CA SER B 498 29.61 -13.87 0.59
C SER B 498 29.94 -12.99 1.79
N GLN B 499 29.78 -11.68 1.61
CA GLN B 499 30.03 -10.76 2.70
C GLN B 499 28.90 -10.77 3.72
N GLU B 500 27.77 -11.38 3.39
CA GLU B 500 26.69 -11.62 4.34
C GLU B 500 26.39 -13.12 4.38
N PRO B 501 26.47 -13.77 5.53
CA PRO B 501 26.06 -15.17 5.62
C PRO B 501 24.55 -15.29 5.75
N VAL B 502 24.06 -16.50 5.45
CA VAL B 502 22.63 -16.79 5.49
C VAL B 502 22.39 -17.92 6.48
N LEU B 503 21.37 -17.77 7.31
CA LEU B 503 21.01 -18.77 8.30
C LEU B 503 19.54 -19.14 8.13
N PHE B 504 19.23 -20.42 8.37
CA PHE B 504 17.87 -20.94 8.27
C PHE B 504 17.41 -21.39 9.65
N GLY B 505 16.14 -21.80 9.72
CA GLY B 505 15.60 -22.30 10.96
C GLY B 505 16.09 -23.68 11.34
N THR B 506 16.75 -24.39 10.43
CA THR B 506 17.30 -25.70 10.74
C THR B 506 18.46 -25.55 11.73
N THR B 507 18.63 -26.57 12.57
CA THR B 507 19.66 -26.53 13.59
C THR B 507 21.05 -26.51 12.97
N ILE B 508 22.03 -26.10 13.78
CA ILE B 508 23.40 -25.95 13.29
C ILE B 508 23.97 -27.28 12.83
N MET B 509 23.65 -28.36 13.55
CA MET B 509 24.21 -29.67 13.21
C MET B 509 23.83 -30.08 11.79
N GLU B 510 22.57 -29.87 11.42
CA GLU B 510 22.13 -30.15 10.06
C GLU B 510 22.45 -29.02 9.10
N ASN B 511 22.51 -27.78 9.60
CA ASN B 511 22.82 -26.65 8.73
C ASN B 511 24.24 -26.77 8.17
N ILE B 512 25.18 -27.24 8.99
CA ILE B 512 26.52 -27.52 8.48
C ILE B 512 26.47 -28.64 7.45
N ARG B 513 25.65 -29.65 7.70
CA ARG B 513 25.46 -30.73 6.73
C ARG B 513 24.53 -30.27 5.61
N PHE B 514 24.96 -29.24 4.88
CA PHE B 514 24.13 -28.62 3.85
C PHE B 514 24.65 -28.89 2.43
N GLY B 515 25.95 -29.11 2.27
CA GLY B 515 26.48 -29.46 0.97
C GLY B 515 26.17 -30.89 0.56
N LYS B 516 26.22 -31.82 1.52
CA LYS B 516 25.80 -33.20 1.29
C LYS B 516 24.96 -33.67 2.47
N LEU B 517 23.81 -34.29 2.14
CA LEU B 517 22.93 -34.85 3.15
C LEU B 517 23.40 -36.21 3.64
N GLU B 518 24.41 -36.79 3.00
CA GLU B 518 25.01 -38.05 3.43
C GLU B 518 26.02 -37.84 4.55
N ALA B 519 26.07 -36.64 5.12
CA ALA B 519 27.07 -36.33 6.13
C ALA B 519 26.96 -37.25 7.33
N SER B 520 28.10 -37.80 7.74
CA SER B 520 28.15 -38.69 8.91
C SER B 520 28.22 -37.84 10.18
N ASP B 521 28.53 -38.49 11.30
CA ASP B 521 28.58 -37.78 12.57
C ASP B 521 29.90 -37.01 12.73
N GLU B 522 31.02 -37.73 12.77
CA GLU B 522 32.29 -37.14 13.16
C GLU B 522 32.81 -36.12 12.15
N GLU B 523 32.40 -36.22 10.89
CA GLU B 523 32.85 -35.26 9.89
C GLU B 523 32.36 -33.86 10.22
N VAL B 524 31.13 -33.73 10.73
CA VAL B 524 30.59 -32.41 11.06
C VAL B 524 31.38 -31.77 12.18
N TYR B 525 31.66 -32.52 13.25
CA TYR B 525 32.44 -31.97 14.35
C TYR B 525 33.87 -31.65 13.92
N THR B 526 34.47 -32.51 13.08
CA THR B 526 35.82 -32.23 12.60
C THR B 526 35.85 -30.95 11.78
N ALA B 527 34.87 -30.75 10.91
CA ALA B 527 34.81 -29.53 10.10
C ALA B 527 34.58 -28.31 10.98
N ALA B 528 33.71 -28.43 11.99
CA ALA B 528 33.47 -27.31 12.89
C ALA B 528 34.73 -26.94 13.66
N ARG B 529 35.48 -27.94 14.12
CA ARG B 529 36.74 -27.68 14.80
C ARG B 529 37.76 -27.02 13.86
N GLU B 530 37.82 -27.49 12.61
CA GLU B 530 38.76 -26.91 11.66
C GLU B 530 38.44 -25.46 11.36
N ALA B 531 37.16 -25.11 11.25
CA ALA B 531 36.74 -23.75 10.94
C ALA B 531 36.58 -22.88 12.18
N ASN B 532 36.99 -23.38 13.36
CA ASN B 532 36.90 -22.64 14.61
C ASN B 532 35.44 -22.29 14.94
N ALA B 533 34.63 -23.34 15.05
CA ALA B 533 33.24 -23.22 15.46
C ALA B 533 32.86 -24.09 16.63
N HIS B 534 33.57 -25.19 16.88
CA HIS B 534 33.25 -26.05 18.01
C HIS B 534 33.59 -25.39 19.33
N GLU B 535 34.57 -24.47 19.34
CA GLU B 535 35.00 -23.86 20.59
C GLU B 535 33.91 -22.98 21.19
N PHE B 536 33.31 -22.10 20.38
CA PHE B 536 32.32 -21.17 20.90
C PHE B 536 30.93 -21.80 21.01
N ILE B 537 30.66 -22.85 20.24
CA ILE B 537 29.34 -23.48 20.30
C ILE B 537 29.14 -24.20 21.62
N THR B 538 30.22 -24.51 22.34
CA THR B 538 30.08 -25.16 23.64
C THR B 538 29.36 -24.27 24.63
N SER B 539 29.61 -22.96 24.58
CA SER B 539 28.98 -22.03 25.52
C SER B 539 27.46 -22.00 25.34
N PHE B 540 26.96 -22.31 24.14
CA PHE B 540 25.53 -22.33 23.92
C PHE B 540 24.88 -23.45 24.73
N PRO B 541 23.71 -23.20 25.33
CA PRO B 541 23.11 -24.24 26.17
C PRO B 541 22.62 -25.44 25.39
N GLU B 542 21.85 -25.23 24.31
CA GLU B 542 21.39 -26.35 23.48
C GLU B 542 22.53 -26.89 22.62
N GLY B 543 23.28 -26.01 21.96
CA GLY B 543 24.42 -26.44 21.18
C GLY B 543 24.08 -26.79 19.73
N TYR B 544 24.26 -28.06 19.37
CA TYR B 544 24.00 -28.51 18.02
C TYR B 544 22.52 -28.75 17.75
N ASN B 545 21.66 -28.49 18.73
CA ASN B 545 20.21 -28.58 18.55
C ASN B 545 19.55 -27.19 18.60
N THR B 546 20.31 -26.14 18.36
CA THR B 546 19.78 -24.78 18.38
C THR B 546 19.36 -24.37 16.97
N VAL B 547 18.14 -23.84 16.86
CA VAL B 547 17.63 -23.37 15.58
C VAL B 547 18.40 -22.14 15.11
N GLY B 549 18.83 -19.05 14.15
CA GLY B 549 17.88 -18.62 13.15
C GLY B 549 17.20 -17.30 13.48
N GLU B 550 16.34 -16.84 12.58
CA GLU B 550 15.62 -15.59 12.81
C GLU B 550 14.71 -15.69 14.03
N ARG B 551 13.99 -16.81 14.16
CA ARG B 551 13.12 -17.04 15.30
C ARG B 551 13.83 -17.73 16.46
N GLY B 552 15.10 -18.11 16.28
CA GLY B 552 15.86 -18.77 17.30
C GLY B 552 16.88 -17.85 17.96
N THR B 553 17.88 -18.47 18.59
CA THR B 553 18.93 -17.71 19.25
C THR B 553 19.76 -16.96 18.23
N THR B 554 20.07 -15.70 18.54
CA THR B 554 20.84 -14.85 17.64
C THR B 554 22.33 -15.05 17.87
N LEU B 555 23.07 -15.18 16.77
CA LEU B 555 24.51 -15.37 16.80
C LEU B 555 25.22 -14.10 16.36
N SER B 556 26.45 -13.93 16.84
CA SER B 556 27.23 -12.76 16.50
C SER B 556 27.69 -12.81 15.04
N GLY B 557 28.12 -11.64 14.55
CA GLY B 557 28.58 -11.58 13.18
C GLY B 557 29.80 -12.45 12.92
N GLY B 558 30.76 -12.43 13.85
CA GLY B 558 31.90 -13.33 13.72
C GLY B 558 31.49 -14.78 13.81
N GLN B 559 30.53 -15.10 14.69
CA GLN B 559 30.01 -16.45 14.77
C GLN B 559 29.32 -16.85 13.47
N LYS B 560 28.59 -15.91 12.87
CA LYS B 560 27.95 -16.20 11.58
C LYS B 560 28.98 -16.45 10.49
N GLN B 561 30.07 -15.68 10.49
CA GLN B 561 31.15 -15.92 9.53
C GLN B 561 31.77 -17.29 9.75
N ARG B 562 31.99 -17.66 11.01
CA ARG B 562 32.53 -18.99 11.30
C ARG B 562 31.59 -20.08 10.82
N LEU B 563 30.28 -19.89 11.03
CA LEU B 563 29.30 -20.88 10.57
C LEU B 563 29.33 -21.01 9.06
N ALA B 564 29.53 -19.92 8.33
CA ALA B 564 29.56 -20.05 6.84
C ALA B 564 30.74 -20.93 6.39
N ILE B 565 31.90 -20.76 7.03
CA ILE B 565 33.17 -21.46 6.65
C ILE B 565 33.07 -22.99 6.75
N ALA B 566 32.46 -23.52 7.82
CA ALA B 566 32.39 -25.00 7.97
C ALA B 566 31.58 -25.61 6.81
N ARG B 567 30.45 -25.00 6.48
CA ARG B 567 29.58 -25.49 5.38
C ARG B 567 30.39 -25.39 4.08
N ALA B 568 31.11 -24.29 3.89
CA ALA B 568 31.91 -24.09 2.66
C ALA B 568 32.97 -25.18 2.52
N LEU B 569 33.60 -25.57 3.63
CA LEU B 569 34.71 -26.57 3.64
C LEU B 569 34.23 -28.03 3.77
N ILE B 570 32.92 -28.28 3.88
CA ILE B 570 32.46 -29.71 4.03
C ILE B 570 32.86 -30.55 2.81
N LYS B 571 32.68 -30.00 1.60
CA LYS B 571 32.95 -30.59 0.29
C LYS B 571 34.42 -30.57 -0.08
N GLN B 572 35.26 -29.83 0.66
CA GLN B 572 36.67 -29.62 0.33
C GLN B 572 36.80 -29.13 -1.11
N PRO B 573 36.27 -27.95 -1.43
CA PRO B 573 36.26 -27.51 -2.82
C PRO B 573 37.66 -27.27 -3.35
N THR B 574 37.86 -27.59 -4.63
CA THR B 574 39.14 -27.33 -5.27
C THR B 574 39.34 -25.85 -5.56
N VAL B 575 38.24 -25.12 -5.78
CA VAL B 575 38.28 -23.68 -6.03
C VAL B 575 37.44 -22.99 -4.98
N LEU B 576 37.99 -21.94 -4.38
CA LEU B 576 37.32 -21.19 -3.34
C LEU B 576 37.15 -19.74 -3.77
N ILE B 577 36.06 -19.11 -3.35
CA ILE B 577 35.79 -17.71 -3.63
C ILE B 577 35.39 -17.02 -2.32
N LEU B 578 36.03 -15.89 -2.02
CA LEU B 578 35.73 -15.11 -0.84
C LEU B 578 35.38 -13.69 -1.28
N ASP B 579 34.26 -13.16 -0.79
CA ASP B 579 33.83 -11.81 -1.11
C ASP B 579 33.76 -11.01 0.18
N GLU B 580 34.79 -10.20 0.43
CA GLU B 580 34.84 -9.30 1.57
C GLU B 580 34.65 -10.06 2.89
N ALA B 581 35.60 -10.95 3.17
CA ALA B 581 35.59 -11.66 4.45
C ALA B 581 35.78 -10.68 5.61
N THR B 582 36.63 -9.67 5.42
CA THR B 582 36.88 -8.64 6.42
C THR B 582 35.76 -7.59 6.36
N SER B 583 34.57 -8.03 6.77
CA SER B 583 33.38 -7.19 6.74
C SER B 583 33.41 -6.24 7.94
N ALA B 584 32.30 -5.54 8.17
CA ALA B 584 32.23 -4.56 9.25
C ALA B 584 32.18 -5.25 10.61
N LEU B 585 33.33 -5.41 11.24
CA LEU B 585 33.42 -6.03 12.55
C LEU B 585 34.77 -5.69 13.16
N ASP B 586 34.98 -6.15 14.39
CA ASP B 586 36.13 -5.73 15.19
C ASP B 586 37.43 -6.29 14.61
N ALA B 587 38.53 -5.99 15.28
CA ALA B 587 39.86 -6.40 14.80
C ALA B 587 40.25 -7.81 15.25
N GLU B 588 39.94 -8.18 16.49
CA GLU B 588 40.35 -9.48 17.00
C GLU B 588 39.65 -10.61 16.23
N SER B 589 38.33 -10.51 16.07
CA SER B 589 37.61 -11.54 15.33
C SER B 589 38.00 -11.53 13.86
N GLU B 590 38.29 -10.36 13.30
CA GLU B 590 38.77 -10.31 11.92
C GLU B 590 40.09 -11.06 11.77
N ARG B 591 41.02 -10.86 12.72
CA ARG B 591 42.27 -11.60 12.68
C ARG B 591 42.03 -13.10 12.84
N VAL B 592 41.11 -13.48 13.73
CA VAL B 592 40.84 -14.89 13.96
C VAL B 592 40.28 -15.54 12.69
N VAL B 593 39.32 -14.88 12.04
CA VAL B 593 38.73 -15.47 10.84
C VAL B 593 39.72 -15.45 9.68
N GLN B 594 40.59 -14.44 9.61
CA GLN B 594 41.62 -14.44 8.58
C GLN B 594 42.59 -15.61 8.78
N GLU B 595 42.99 -15.86 10.02
CA GLU B 595 43.85 -17.01 10.30
C GLU B 595 43.14 -18.31 9.97
N ALA B 596 41.84 -18.40 10.27
CA ALA B 596 41.07 -19.60 9.95
C ALA B 596 41.03 -19.83 8.44
N LEU B 597 40.82 -18.76 7.67
CA LEU B 597 40.85 -18.88 6.22
C LEU B 597 42.24 -19.30 5.74
N ASP B 598 43.29 -18.75 6.35
CA ASP B 598 44.65 -19.10 5.95
C ASP B 598 44.94 -20.58 6.17
N ARG B 599 44.53 -21.12 7.32
CA ARG B 599 44.76 -22.54 7.57
C ARG B 599 43.74 -23.40 6.84
N ALA B 600 42.68 -22.79 6.30
CA ALA B 600 41.72 -23.51 5.47
C ALA B 600 42.09 -23.44 3.99
N SER B 601 42.57 -22.30 3.51
CA SER B 601 42.95 -22.13 2.11
C SER B 601 44.41 -22.57 1.92
N ALA B 602 44.60 -23.89 1.95
CA ALA B 602 45.91 -24.49 1.74
C ALA B 602 45.78 -25.60 0.72
N GLY B 603 46.59 -25.54 -0.34
CA GLY B 603 46.57 -26.54 -1.37
C GLY B 603 45.46 -26.39 -2.38
N ARG B 604 44.66 -25.35 -2.29
CA ARG B 604 43.54 -25.12 -3.18
C ARG B 604 43.63 -23.70 -3.75
N THR B 605 43.19 -23.54 -5.00
CA THR B 605 43.16 -22.21 -5.60
C THR B 605 41.97 -21.42 -5.04
N VAL B 606 42.25 -20.24 -4.50
CA VAL B 606 41.22 -19.40 -3.90
C VAL B 606 41.36 -17.98 -4.45
N LEU B 607 40.23 -17.36 -4.77
CA LEU B 607 40.17 -15.98 -5.23
C LEU B 607 39.43 -15.17 -4.18
N VAL B 608 40.04 -14.06 -3.75
CA VAL B 608 39.50 -13.22 -2.69
C VAL B 608 39.30 -11.81 -3.23
N ILE B 609 38.20 -11.18 -2.85
CA ILE B 609 37.91 -9.80 -3.18
C ILE B 609 37.93 -9.01 -1.88
N ALA B 610 38.79 -7.99 -1.81
CA ALA B 610 38.93 -7.18 -0.62
C ALA B 610 38.92 -5.71 -1.00
N HIS B 611 38.37 -4.89 -0.10
CA HIS B 611 38.33 -3.45 -0.30
C HIS B 611 39.47 -2.73 0.41
N ARG B 612 39.84 -3.17 1.60
CA ARG B 612 40.97 -2.60 2.32
C ARG B 612 42.26 -3.23 1.83
N LEU B 613 43.23 -2.39 1.46
CA LEU B 613 44.48 -2.88 0.89
C LEU B 613 45.39 -3.51 1.93
N SER B 614 45.11 -3.34 3.22
CA SER B 614 45.96 -3.90 4.27
C SER B 614 45.82 -5.41 4.40
N THR B 615 44.77 -6.01 3.85
CA THR B 615 44.54 -7.44 3.94
C THR B 615 44.96 -8.18 2.68
N VAL B 616 45.63 -7.51 1.75
CA VAL B 616 45.99 -8.12 0.47
C VAL B 616 47.50 -8.28 0.30
N ARG B 617 48.32 -7.52 1.03
CA ARG B 617 49.77 -7.57 0.84
C ARG B 617 50.35 -8.95 1.08
N GLY B 618 49.66 -9.81 1.83
CA GLY B 618 50.12 -11.16 2.04
C GLY B 618 49.79 -12.15 0.95
N ALA B 619 49.11 -11.71 -0.11
CA ALA B 619 48.72 -12.60 -1.18
C ALA B 619 49.89 -12.80 -2.15
N HIS B 620 49.66 -13.64 -3.17
CA HIS B 620 50.69 -13.93 -4.16
C HIS B 620 50.71 -12.88 -5.27
N CYS B 621 49.58 -12.71 -5.96
CA CYS B 621 49.48 -11.77 -7.06
C CYS B 621 48.27 -10.87 -6.87
N ILE B 622 48.36 -9.67 -7.42
CA ILE B 622 47.32 -8.65 -7.28
C ILE B 622 46.92 -8.19 -8.68
N VAL B 623 45.61 -8.06 -8.89
CA VAL B 623 45.06 -7.56 -10.14
C VAL B 623 44.33 -6.26 -9.84
N VAL B 624 44.79 -5.17 -10.44
CA VAL B 624 44.16 -3.86 -10.27
C VAL B 624 43.17 -3.65 -11.40
N MET B 625 41.91 -3.37 -11.04
CA MET B 625 40.81 -3.21 -11.97
C MET B 625 40.42 -1.75 -12.06
N ALA B 626 40.11 -1.29 -13.28
CA ALA B 626 39.60 0.07 -13.48
C ALA B 626 38.98 0.16 -14.87
N ASP B 627 37.72 0.62 -14.92
CA ASP B 627 37.01 0.90 -16.16
C ASP B 627 36.85 -0.34 -17.04
N GLY B 628 36.17 -1.34 -16.50
CA GLY B 628 35.73 -2.48 -17.28
C GLY B 628 36.84 -3.43 -17.70
N ARG B 629 37.81 -2.93 -18.46
CA ARG B 629 38.93 -3.75 -18.89
C ARG B 629 39.92 -3.91 -17.75
N VAL B 630 40.77 -4.94 -17.88
CA VAL B 630 41.81 -5.16 -16.87
C VAL B 630 42.84 -4.04 -16.96
N TRP B 631 43.16 -3.46 -15.81
CA TRP B 631 44.11 -2.35 -15.77
C TRP B 631 45.54 -2.84 -15.54
N GLU B 632 45.74 -3.70 -14.55
CA GLU B 632 47.08 -4.20 -14.26
C GLU B 632 46.98 -5.54 -13.55
N ALA B 633 48.04 -6.34 -13.65
CA ALA B 633 48.14 -7.58 -12.90
C ALA B 633 49.60 -7.93 -12.69
N GLY B 634 49.93 -8.38 -11.49
CA GLY B 634 51.30 -8.78 -11.23
C GLY B 634 51.58 -8.88 -9.74
N THR B 635 52.86 -9.00 -9.43
CA THR B 635 53.30 -9.14 -8.04
C THR B 635 53.28 -7.79 -7.32
N HIS B 636 53.11 -7.86 -6.00
CA HIS B 636 53.04 -6.64 -5.20
C HIS B 636 54.36 -5.88 -5.21
N GLU B 637 55.48 -6.58 -5.08
CA GLU B 637 56.78 -5.91 -5.01
C GLU B 637 57.11 -5.20 -6.31
N GLU B 638 56.66 -5.74 -7.44
CA GLU B 638 56.82 -5.05 -8.71
C GLU B 638 55.73 -4.03 -8.96
N LEU B 639 54.54 -4.23 -8.37
CA LEU B 639 53.47 -3.24 -8.49
C LEU B 639 53.83 -1.94 -7.79
N LEU B 640 54.55 -2.01 -6.67
CA LEU B 640 55.01 -0.80 -6.01
C LEU B 640 55.95 -0.01 -6.91
N LYS B 641 56.87 -0.70 -7.60
CA LYS B 641 57.78 -0.03 -8.51
C LYS B 641 57.10 0.45 -9.79
N LYS B 642 55.99 -0.20 -10.18
CA LYS B 642 55.28 0.22 -11.39
C LYS B 642 54.74 1.62 -11.27
N GLY B 643 54.16 1.96 -10.12
CA GLY B 643 53.63 3.30 -9.91
C GLY B 643 52.39 3.63 -10.70
N GLY B 644 51.60 2.61 -11.08
CA GLY B 644 50.39 2.85 -11.84
C GLY B 644 49.23 3.31 -10.98
N LEU B 645 48.02 2.87 -11.32
CA LEU B 645 46.84 3.24 -10.54
C LEU B 645 46.91 2.67 -9.13
N TYR B 646 47.66 1.58 -8.93
CA TYR B 646 47.80 1.03 -7.59
C TYR B 646 48.49 2.00 -6.65
N ALA B 647 49.47 2.76 -7.16
CA ALA B 647 50.14 3.76 -6.33
C ALA B 647 49.15 4.81 -5.87
N GLU B 648 48.30 5.31 -6.77
CA GLU B 648 47.29 6.29 -6.38
C GLU B 648 46.31 5.69 -5.38
N LEU B 649 45.90 4.44 -5.60
CA LEU B 649 44.95 3.80 -4.69
C LEU B 649 45.55 3.65 -3.29
N ILE B 650 46.80 3.21 -3.19
CA ILE B 650 47.41 3.02 -1.88
C ILE B 650 47.71 4.36 -1.22
N ARG B 651 48.02 5.40 -2.01
CA ARG B 651 48.19 6.72 -1.44
C ARG B 651 46.89 7.25 -0.87
N ARG B 652 45.78 7.05 -1.59
CA ARG B 652 44.47 7.46 -1.09
C ARG B 652 44.09 6.68 0.16
N GLN B 653 44.36 5.37 0.18
CA GLN B 653 44.03 4.56 1.34
C GLN B 653 44.86 4.94 2.55
N ALA B 654 46.15 5.23 2.34
CA ALA B 654 47.03 5.60 3.44
C ALA B 654 46.70 6.99 3.96
#